data_4LX0
#
_entry.id   4LX0
#
_cell.length_a   95.100
_cell.length_b   125.920
_cell.length_c   157.660
_cell.angle_alpha   90.00
_cell.angle_beta   90.00
_cell.angle_gamma   90.00
#
_symmetry.space_group_name_H-M   'P 21 21 21'
#
loop_
_entity.id
_entity.type
_entity.pdbx_description
1 polymer 'Ras-related protein Rab-11A'
2 polymer 'Unconventional myosin-Vb'
3 non-polymer 'MAGNESIUM ION'
4 non-polymer 'BERYLLIUM TRIFLUORIDE ION'
5 non-polymer "GUANOSINE-5'-DIPHOSPHATE"
6 non-polymer GLYCEROL
7 water water
#
loop_
_entity_poly.entity_id
_entity_poly.type
_entity_poly.pdbx_seq_one_letter_code
_entity_poly.pdbx_strand_id
1 'polypeptide(L)'
;MGTRDDEYDYLFKVVLIGDSGVGKSNLLSRFTRNEFNLESKSTIGVEFATRSIQVDGKTIKAQIWDTAGQERYRAITSAY
YRGAVGALLVYDIAKHLTYENVERWLKELRDHADSNIVIMLVGNKSDLRHLRAVPTDEARAFAEKNGLSFIETSALDSTN
VEAAFQTILTEIYRIVS
;
A,C
2 'polypeptide(L)'
;MRSETMSYYHHHHHHDYDIPTTENLYFQGAMGSMQVTVQRKEKDFQGMLEYHKEDEALLIRNLVTDLKPQMLSGTVPCLP
AYILYMCIRHADYTNDDLKVHSLLTSTINGIKKVLKKHNDDFEMTSFWLSNTCRLLHCLKQYSGDEGFMTQNTAKQNEHC
LKNFDLTEYRQVLSDLSIQIYQQLIKIAEGVLQPMIVSAMLENESIQGLSGVKPTGYRKRSSSMADGDNSYCLEAIIRQM
NAFHTVMCDQGLDPEIILQVFKQLFYMINAVTLNNLLLRKDVCSWSTGMQLRYNISQLEEWLRGRNLHQSGAVQTMEPLI
QAAQLLQLKKKTQEDAEAICSLCTSLSTQQIVKILNLYTPLNEFEERVTVAFIRTIQAQLQERNDPQQLLLDAKHMFPVL
FPFNPSSLTMDSIHIPACLNLEFLNEV
;
B,D
#
# COMPACT_ATOMS: atom_id res chain seq x y z
N GLU A 7 -23.52 -9.78 -5.11
CA GLU A 7 -23.88 -10.52 -6.33
C GLU A 7 -23.66 -9.67 -7.58
N TYR A 8 -24.08 -10.16 -8.73
CA TYR A 8 -23.63 -9.58 -10.00
C TYR A 8 -24.62 -9.92 -11.11
N ASP A 9 -24.60 -9.14 -12.19
CA ASP A 9 -25.49 -9.39 -13.33
C ASP A 9 -24.81 -10.14 -14.45
N TYR A 10 -23.50 -9.98 -14.53
CA TYR A 10 -22.72 -10.63 -15.57
C TYR A 10 -21.43 -11.13 -14.94
N LEU A 11 -20.94 -12.26 -15.42
CA LEU A 11 -19.65 -12.78 -15.03
C LEU A 11 -18.80 -12.96 -16.28
N PHE A 12 -17.68 -12.23 -16.35
CA PHE A 12 -16.86 -12.17 -17.54
C PHE A 12 -15.53 -12.84 -17.25
N LYS A 13 -15.29 -13.97 -17.89
CA LYS A 13 -14.02 -14.67 -17.73
C LYS A 13 -13.04 -14.00 -18.66
N VAL A 14 -11.92 -13.55 -18.11
CA VAL A 14 -10.90 -12.84 -18.89
C VAL A 14 -9.54 -13.45 -18.58
N VAL A 15 -8.82 -13.87 -19.64
CA VAL A 15 -7.49 -14.47 -19.45
C VAL A 15 -6.38 -13.47 -19.67
N LEU A 16 -5.32 -13.59 -18.86
CA LEU A 16 -4.10 -12.78 -19.04
C LEU A 16 -3.02 -13.68 -19.58
N ILE A 17 -2.52 -13.38 -20.78
CA ILE A 17 -1.49 -14.16 -21.42
C ILE A 17 -0.32 -13.29 -21.91
N GLY A 18 0.87 -13.88 -21.99
CA GLY A 18 2.04 -13.24 -22.59
C GLY A 18 3.29 -13.73 -21.87
N ASP A 19 4.47 -13.36 -22.35
CA ASP A 19 5.73 -13.94 -21.80
C ASP A 19 5.85 -13.75 -20.31
N SER A 20 6.67 -14.62 -19.72
CA SER A 20 7.02 -14.51 -18.31
C SER A 20 7.72 -13.19 -18.05
N GLY A 21 7.39 -12.53 -16.95
CA GLY A 21 8.12 -11.34 -16.58
C GLY A 21 7.49 -10.05 -17.08
N VAL A 22 6.49 -10.12 -17.95
CA VAL A 22 5.98 -8.87 -18.53
C VAL A 22 5.08 -8.07 -17.59
N GLY A 23 4.59 -8.72 -16.53
CA GLY A 23 3.83 -8.05 -15.49
C GLY A 23 2.35 -8.41 -15.39
N LYS A 24 1.97 -9.58 -15.92
CA LYS A 24 0.57 -10.02 -15.85
C LYS A 24 0.05 -10.11 -14.40
N SER A 25 0.79 -10.78 -13.53
CA SER A 25 0.33 -10.94 -12.17
C SER A 25 0.23 -9.62 -11.39
N ASN A 26 1.05 -8.65 -11.75
CA ASN A 26 1.02 -7.35 -11.10
C ASN A 26 -0.06 -6.42 -11.71
N LEU A 27 -0.43 -6.64 -12.96
CA LEU A 27 -1.57 -5.92 -13.52
C LEU A 27 -2.81 -6.39 -12.74
N LEU A 28 -2.84 -7.69 -12.50
CA LEU A 28 -3.93 -8.31 -11.77
C LEU A 28 -4.03 -7.86 -10.29
N SER A 29 -2.89 -7.83 -9.58
CA SER A 29 -2.90 -7.42 -8.19
C SER A 29 -3.17 -5.91 -8.10
N ARG A 30 -2.68 -5.16 -9.06
CA ARG A 30 -2.98 -3.74 -9.07
C ARG A 30 -4.49 -3.50 -9.29
N PHE A 31 -5.06 -4.17 -10.28
CA PHE A 31 -6.49 -4.04 -10.58
C PHE A 31 -7.37 -4.51 -9.41
N THR A 32 -7.09 -5.68 -8.85
CA THR A 32 -7.99 -6.28 -7.87
C THR A 32 -7.82 -5.78 -6.43
N ARG A 33 -6.65 -5.24 -6.07
CA ARG A 33 -6.50 -4.74 -4.72
C ARG A 33 -5.45 -3.65 -4.63
N ASN A 34 -5.21 -3.00 -5.76
CA ASN A 34 -4.30 -1.88 -5.76
C ASN A 34 -2.99 -2.25 -5.07
N GLU A 35 -2.44 -3.42 -5.35
CA GLU A 35 -1.11 -3.76 -4.87
C GLU A 35 -0.12 -4.10 -5.99
N PHE A 36 1.14 -3.73 -5.78
CA PHE A 36 2.21 -3.99 -6.72
C PHE A 36 3.35 -4.58 -5.91
N ASN A 37 4.03 -5.58 -6.44
CA ASN A 37 5.16 -6.14 -5.73
C ASN A 37 6.36 -6.27 -6.66
N LEU A 38 7.49 -5.70 -6.27
CA LEU A 38 8.73 -5.83 -7.06
C LEU A 38 9.30 -7.26 -7.09
N GLU A 39 9.05 -8.03 -6.04
CA GLU A 39 9.55 -9.39 -5.95
C GLU A 39 8.40 -10.36 -6.25
N SER A 40 7.83 -10.28 -7.44
CA SER A 40 6.75 -11.19 -7.80
C SER A 40 7.28 -12.59 -8.13
N LYS A 41 6.69 -13.59 -7.49
CA LYS A 41 6.92 -14.98 -7.85
C LYS A 41 6.21 -15.33 -9.19
N SER A 42 6.93 -16.07 -10.02
CA SER A 42 6.38 -16.64 -11.24
C SER A 42 5.11 -17.47 -11.02
N THR A 43 4.13 -17.20 -11.85
CA THR A 43 2.86 -17.90 -11.82
C THR A 43 3.04 -19.33 -12.32
N ILE A 44 2.50 -20.27 -11.55
CA ILE A 44 2.51 -21.67 -11.87
C ILE A 44 1.10 -22.09 -12.29
N GLY A 45 0.95 -22.50 -13.54
CA GLY A 45 -0.30 -23.09 -13.99
C GLY A 45 -1.26 -21.93 -14.19
N VAL A 46 -2.47 -22.06 -13.69
CA VAL A 46 -3.39 -20.93 -13.81
C VAL A 46 -3.72 -20.44 -12.38
N GLU A 47 -3.75 -19.14 -12.20
CA GLU A 47 -4.16 -18.55 -10.94
C GLU A 47 -5.27 -17.55 -11.20
N PHE A 48 -5.89 -17.04 -10.13
CA PHE A 48 -7.19 -16.36 -10.25
C PHE A 48 -7.31 -15.16 -9.30
N ALA A 49 -8.06 -14.15 -9.71
CA ALA A 49 -8.53 -13.09 -8.82
C ALA A 49 -9.76 -12.52 -9.45
N THR A 50 -10.62 -11.89 -8.64
CA THR A 50 -11.85 -11.34 -9.18
C THR A 50 -12.03 -9.95 -8.67
N ARG A 51 -12.80 -9.16 -9.40
CA ARG A 51 -13.21 -7.84 -8.95
C ARG A 51 -14.50 -7.49 -9.69
N SER A 52 -15.41 -6.82 -8.98
CA SER A 52 -16.67 -6.39 -9.56
C SER A 52 -16.65 -4.90 -9.86
N ILE A 53 -17.18 -4.54 -11.02
CA ILE A 53 -17.30 -3.15 -11.40
C ILE A 53 -18.72 -2.87 -11.90
N GLN A 54 -19.02 -1.59 -12.06
CA GLN A 54 -20.30 -1.15 -12.58
C GLN A 54 -20.14 -0.76 -14.03
N VAL A 55 -21.14 -1.10 -14.84
CA VAL A 55 -21.16 -0.72 -16.24
C VAL A 55 -22.59 -0.60 -16.62
N ASP A 56 -22.96 0.51 -17.26
CA ASP A 56 -24.36 0.70 -17.68
C ASP A 56 -25.25 0.46 -16.47
N GLY A 57 -24.70 0.73 -15.28
CA GLY A 57 -25.44 0.58 -14.04
C GLY A 57 -25.68 -0.87 -13.65
N LYS A 58 -24.89 -1.79 -14.19
CA LYS A 58 -25.06 -3.20 -13.85
C LYS A 58 -23.80 -3.73 -13.20
N THR A 59 -23.91 -4.79 -12.44
CA THR A 59 -22.71 -5.28 -11.76
C THR A 59 -22.02 -6.37 -12.59
N ILE A 60 -20.77 -6.09 -12.95
CA ILE A 60 -19.97 -7.00 -13.75
C ILE A 60 -18.87 -7.59 -12.90
N LYS A 61 -18.94 -8.90 -12.66
CA LYS A 61 -17.85 -9.56 -11.95
C LYS A 61 -16.79 -10.03 -12.94
N ALA A 62 -15.58 -9.48 -12.82
CA ALA A 62 -14.49 -9.88 -13.68
C ALA A 62 -13.82 -11.07 -13.02
N GLN A 63 -13.86 -12.23 -13.69
CA GLN A 63 -13.15 -13.38 -13.15
C GLN A 63 -11.86 -13.52 -13.95
N ILE A 64 -10.73 -13.18 -13.34
CA ILE A 64 -9.49 -13.04 -14.09
C ILE A 64 -8.65 -14.29 -13.98
N TRP A 65 -8.32 -14.88 -15.12
CA TRP A 65 -7.47 -16.09 -15.18
C TRP A 65 -6.05 -15.65 -15.51
N ASP A 66 -5.16 -15.72 -14.53
CA ASP A 66 -3.79 -15.26 -14.68
C ASP A 66 -2.98 -16.50 -14.99
N THR A 67 -2.20 -16.50 -16.05
CA THR A 67 -1.56 -17.76 -16.48
C THR A 67 -0.05 -17.65 -16.48
N ALA A 68 0.62 -18.78 -16.38
CA ALA A 68 2.04 -18.86 -16.53
C ALA A 68 2.56 -18.46 -17.93
N GLY A 69 3.57 -17.62 -17.96
CA GLY A 69 4.26 -17.32 -19.21
C GLY A 69 5.47 -18.22 -19.45
N GLN A 70 6.03 -18.81 -18.39
CA GLN A 70 7.17 -19.75 -18.51
C GLN A 70 6.67 -21.13 -18.89
N GLU A 71 7.18 -21.62 -20.02
CA GLU A 71 6.85 -22.96 -20.49
C GLU A 71 6.93 -24.06 -19.39
N ARG A 72 7.99 -24.08 -18.58
CA ARG A 72 8.11 -25.13 -17.54
C ARG A 72 7.06 -24.93 -16.40
N TYR A 73 6.37 -23.81 -16.40
CA TYR A 73 5.34 -23.57 -15.41
C TYR A 73 3.93 -23.65 -16.02
N ARG A 74 3.81 -23.94 -17.32
CA ARG A 74 2.46 -23.88 -17.91
C ARG A 74 1.66 -25.14 -17.70
N ALA A 75 0.33 -24.95 -17.71
CA ALA A 75 -0.61 -26.02 -17.62
C ALA A 75 -0.45 -26.90 -18.88
N ILE A 76 -0.70 -28.19 -18.73
CA ILE A 76 -0.56 -29.13 -19.85
C ILE A 76 -1.31 -28.67 -21.09
N THR A 77 -2.42 -27.94 -20.90
CA THR A 77 -3.30 -27.62 -22.01
C THR A 77 -4.01 -26.29 -21.97
N SER A 78 -4.05 -25.65 -23.14
CA SER A 78 -4.63 -24.36 -23.36
C SER A 78 -6.16 -24.42 -23.58
N ALA A 79 -6.74 -25.61 -23.63
CA ALA A 79 -8.17 -25.75 -23.72
C ALA A 79 -8.97 -25.01 -22.67
N TYR A 80 -8.35 -24.62 -21.55
CA TYR A 80 -9.07 -23.81 -20.55
C TYR A 80 -9.45 -22.41 -21.03
N TYR A 81 -8.81 -21.87 -22.07
CA TYR A 81 -9.30 -20.65 -22.78
C TYR A 81 -10.82 -20.62 -23.15
N ARG A 82 -11.45 -21.79 -23.16
CA ARG A 82 -12.84 -21.89 -23.59
C ARG A 82 -13.72 -21.15 -22.60
N GLY A 83 -14.72 -20.48 -23.15
CA GLY A 83 -15.65 -19.68 -22.36
C GLY A 83 -15.08 -18.29 -22.07
N ALA A 84 -13.85 -18.00 -22.45
CA ALA A 84 -13.29 -16.66 -22.16
C ALA A 84 -13.94 -15.60 -23.08
N VAL A 85 -14.36 -14.47 -22.49
CA VAL A 85 -15.02 -13.42 -23.26
C VAL A 85 -14.04 -12.27 -23.53
N GLY A 86 -12.92 -12.30 -22.81
CA GLY A 86 -11.94 -11.25 -22.94
C GLY A 86 -10.55 -11.81 -22.82
N ALA A 87 -9.58 -11.16 -23.44
CA ALA A 87 -8.18 -11.47 -23.14
C ALA A 87 -7.30 -10.24 -23.16
N LEU A 88 -6.35 -10.20 -22.22
CA LEU A 88 -5.24 -9.23 -22.28
C LEU A 88 -4.03 -9.94 -22.75
N LEU A 89 -3.44 -9.46 -23.82
CA LEU A 89 -2.25 -10.05 -24.31
C LEU A 89 -1.12 -9.07 -23.95
N VAL A 90 -0.27 -9.45 -23.00
CA VAL A 90 0.66 -8.49 -22.39
C VAL A 90 2.09 -8.70 -22.89
N TYR A 91 2.74 -7.61 -23.27
CA TYR A 91 4.19 -7.59 -23.45
C TYR A 91 4.84 -6.45 -22.60
N ASP A 92 6.17 -6.43 -22.56
CA ASP A 92 6.94 -5.47 -21.77
C ASP A 92 7.50 -4.45 -22.73
N ILE A 93 7.15 -3.16 -22.60
CA ILE A 93 7.63 -2.18 -23.62
C ILE A 93 9.15 -2.09 -23.62
N ALA A 94 9.77 -2.56 -22.55
CA ALA A 94 11.22 -2.47 -22.51
C ALA A 94 11.93 -3.71 -23.03
N LYS A 95 11.19 -4.69 -23.61
CA LYS A 95 11.81 -5.91 -24.12
C LYS A 95 11.11 -6.36 -25.40
N HIS A 96 11.73 -6.02 -26.53
CA HIS A 96 11.12 -6.19 -27.85
C HIS A 96 10.80 -7.68 -28.06
N LEU A 97 11.59 -8.58 -27.49
CA LEU A 97 11.33 -10.01 -27.66
C LEU A 97 9.93 -10.39 -27.13
N THR A 98 9.57 -9.88 -25.96
CA THR A 98 8.26 -10.22 -25.40
C THR A 98 7.18 -9.73 -26.33
N TYR A 99 7.46 -8.67 -27.08
CA TYR A 99 6.51 -8.15 -28.03
C TYR A 99 6.51 -9.05 -29.29
N GLU A 100 7.68 -9.52 -29.71
CA GLU A 100 7.76 -10.40 -30.87
C GLU A 100 6.89 -11.63 -30.62
N ASN A 101 6.92 -12.15 -29.40
CA ASN A 101 6.16 -13.32 -29.02
C ASN A 101 4.65 -13.17 -28.97
N VAL A 102 4.15 -11.93 -28.98
CA VAL A 102 2.70 -11.69 -29.01
C VAL A 102 1.98 -12.46 -30.15
N GLU A 103 2.56 -12.46 -31.34
CA GLU A 103 2.03 -13.25 -32.49
C GLU A 103 1.72 -14.67 -32.14
N ARG A 104 2.63 -15.30 -31.41
CA ARG A 104 2.48 -16.71 -31.08
C ARG A 104 1.43 -16.85 -30.01
N TRP A 105 1.45 -15.97 -28.99
CA TRP A 105 0.41 -16.03 -27.96
C TRP A 105 -0.95 -15.85 -28.62
N LEU A 106 -1.01 -14.91 -29.57
CA LEU A 106 -2.24 -14.57 -30.22
C LEU A 106 -2.76 -15.76 -31.08
N LYS A 107 -1.86 -16.41 -31.79
CA LYS A 107 -2.27 -17.54 -32.64
C LYS A 107 -2.83 -18.65 -31.78
N GLU A 108 -2.15 -18.97 -30.69
CA GLU A 108 -2.64 -20.01 -29.79
C GLU A 108 -4.04 -19.64 -29.24
N LEU A 109 -4.21 -18.39 -28.88
CA LEU A 109 -5.47 -17.93 -28.28
C LEU A 109 -6.62 -18.14 -29.23
N ARG A 110 -6.38 -17.80 -30.49
CA ARG A 110 -7.42 -17.86 -31.49
C ARG A 110 -7.64 -19.30 -31.96
N ASP A 111 -6.68 -20.19 -31.70
CA ASP A 111 -6.88 -21.61 -31.96
C ASP A 111 -7.81 -22.20 -30.92
N HIS A 112 -7.84 -21.65 -29.70
CA HIS A 112 -8.64 -22.27 -28.64
C HIS A 112 -9.84 -21.47 -28.15
N ALA A 113 -9.89 -20.18 -28.49
CA ALA A 113 -10.90 -19.28 -27.95
C ALA A 113 -12.09 -19.11 -28.90
N ASP A 114 -13.23 -18.67 -28.36
CA ASP A 114 -14.40 -18.37 -29.20
C ASP A 114 -14.09 -17.11 -30.04
N SER A 115 -14.67 -17.05 -31.23
CA SER A 115 -14.40 -16.00 -32.23
C SER A 115 -14.92 -14.62 -31.85
N ASN A 116 -15.89 -14.56 -30.93
CA ASN A 116 -16.28 -13.23 -30.38
C ASN A 116 -15.44 -12.72 -29.21
N ILE A 117 -14.34 -13.38 -28.90
CA ILE A 117 -13.58 -12.96 -27.74
C ILE A 117 -13.08 -11.53 -27.98
N VAL A 118 -13.11 -10.69 -26.96
CA VAL A 118 -12.55 -9.34 -27.07
C VAL A 118 -11.09 -9.40 -26.64
N ILE A 119 -10.20 -8.90 -27.48
CA ILE A 119 -8.78 -8.98 -27.15
C ILE A 119 -8.13 -7.60 -27.13
N MET A 120 -7.36 -7.36 -26.07
CA MET A 120 -6.67 -6.10 -25.89
C MET A 120 -5.18 -6.37 -25.79
N LEU A 121 -4.41 -5.72 -26.66
CA LEU A 121 -2.96 -5.80 -26.62
C LEU A 121 -2.49 -4.79 -25.55
N VAL A 122 -1.69 -5.21 -24.58
CA VAL A 122 -1.28 -4.32 -23.47
C VAL A 122 0.26 -4.21 -23.40
N GLY A 123 0.79 -3.01 -23.61
CA GLY A 123 2.21 -2.76 -23.41
C GLY A 123 2.45 -2.32 -21.98
N ASN A 124 2.93 -3.24 -21.15
CA ASN A 124 3.09 -2.98 -19.72
C ASN A 124 4.48 -2.42 -19.45
N LYS A 125 4.66 -1.87 -18.24
CA LYS A 125 5.91 -1.24 -17.77
C LYS A 125 6.20 0.07 -18.49
N SER A 126 5.17 0.86 -18.73
CA SER A 126 5.35 2.14 -19.41
C SER A 126 6.14 3.10 -18.50
N ASP A 127 6.33 2.76 -17.23
CA ASP A 127 7.17 3.62 -16.38
C ASP A 127 8.62 3.55 -16.85
N LEU A 128 8.99 2.55 -17.65
CA LEU A 128 10.41 2.39 -18.04
C LEU A 128 10.70 3.09 -19.33
N ARG A 129 10.38 4.37 -19.35
CA ARG A 129 10.50 5.17 -20.58
C ARG A 129 11.93 5.20 -21.09
N HIS A 130 12.89 5.25 -20.17
CA HIS A 130 14.31 5.33 -20.55
C HIS A 130 14.83 4.05 -21.22
N LEU A 131 14.05 2.97 -21.10
CA LEU A 131 14.46 1.61 -21.54
C LEU A 131 13.58 1.08 -22.68
N ARG A 132 12.73 1.94 -23.22
CA ARG A 132 11.70 1.50 -24.15
C ARG A 132 12.33 0.86 -25.39
N ALA A 133 11.88 -0.33 -25.74
CA ALA A 133 12.33 -1.03 -26.96
C ALA A 133 11.21 -1.17 -28.02
N VAL A 134 9.96 -0.93 -27.62
CA VAL A 134 8.83 -1.07 -28.53
C VAL A 134 8.12 0.27 -28.67
N PRO A 135 8.33 0.92 -29.79
CA PRO A 135 7.68 2.21 -29.96
C PRO A 135 6.16 1.99 -29.97
N THR A 136 5.41 2.90 -29.38
CA THR A 136 3.93 2.85 -29.30
C THR A 136 3.25 2.68 -30.67
N ASP A 137 3.71 3.43 -31.66
CA ASP A 137 3.12 3.37 -32.98
C ASP A 137 3.21 1.99 -33.62
N GLU A 138 4.30 1.29 -33.36
CA GLU A 138 4.53 -0.02 -33.93
C GLU A 138 3.50 -1.00 -33.36
N ALA A 139 3.37 -1.00 -32.04
CA ALA A 139 2.47 -1.93 -31.37
C ALA A 139 1.04 -1.60 -31.72
N ARG A 140 0.74 -0.31 -31.89
CA ARG A 140 -0.61 0.07 -32.24
C ARG A 140 -0.96 -0.39 -33.67
N ALA A 141 -0.03 -0.35 -34.61
CA ALA A 141 -0.37 -0.77 -35.96
C ALA A 141 -0.58 -2.29 -36.00
N PHE A 142 0.16 -3.00 -35.16
CA PHE A 142 -0.04 -4.44 -35.02
C PHE A 142 -1.43 -4.75 -34.46
N ALA A 143 -1.82 -4.10 -33.36
CA ALA A 143 -3.17 -4.19 -32.79
C ALA A 143 -4.22 -3.95 -33.84
N GLU A 144 -4.10 -2.85 -34.56
CA GLU A 144 -5.10 -2.50 -35.54
C GLU A 144 -5.27 -3.59 -36.59
N LYS A 145 -4.14 -4.10 -37.08
CA LYS A 145 -4.10 -5.02 -38.22
C LYS A 145 -4.62 -6.39 -37.78
N ASN A 146 -4.53 -6.64 -36.48
CA ASN A 146 -4.96 -7.89 -35.92
C ASN A 146 -6.30 -7.82 -35.18
N GLY A 147 -7.04 -6.72 -35.34
CA GLY A 147 -8.30 -6.52 -34.63
C GLY A 147 -8.21 -6.58 -33.10
N LEU A 148 -7.14 -6.03 -32.55
CA LEU A 148 -6.98 -5.98 -31.10
C LEU A 148 -7.18 -4.53 -30.68
N SER A 149 -7.76 -4.32 -29.53
CA SER A 149 -7.70 -2.97 -28.94
C SER A 149 -6.27 -2.84 -28.34
N PHE A 150 -5.88 -1.63 -27.94
CA PHE A 150 -4.48 -1.42 -27.52
C PHE A 150 -4.36 -0.38 -26.39
N ILE A 151 -3.55 -0.63 -25.37
CA ILE A 151 -3.24 0.37 -24.35
C ILE A 151 -1.83 0.11 -23.77
N GLU A 152 -1.16 1.16 -23.26
CA GLU A 152 0.07 0.99 -22.45
C GLU A 152 -0.24 1.25 -21.01
N THR A 153 0.27 0.35 -20.18
CA THR A 153 0.02 0.39 -18.76
C THR A 153 1.31 0.36 -17.97
N SER A 154 1.20 0.73 -16.71
CA SER A 154 2.25 0.47 -15.74
C SER A 154 1.61 -0.05 -14.46
N ALA A 155 1.74 -1.35 -14.21
CA ALA A 155 1.35 -1.86 -12.93
C ALA A 155 2.11 -1.16 -11.78
N LEU A 156 3.34 -0.71 -12.04
CA LEU A 156 4.16 -0.06 -11.00
C LEU A 156 3.59 1.29 -10.54
N ASP A 157 3.32 2.19 -11.47
CA ASP A 157 2.88 3.51 -11.07
C ASP A 157 1.34 3.60 -11.23
N SER A 158 0.71 2.50 -11.67
CA SER A 158 -0.75 2.32 -11.85
C SER A 158 -1.37 2.96 -13.12
N THR A 159 -0.61 3.73 -13.87
CA THR A 159 -1.09 4.41 -15.07
C THR A 159 -1.83 3.42 -16.02
N ASN A 160 -3.08 3.76 -16.33
CA ASN A 160 -3.97 3.05 -17.24
C ASN A 160 -4.35 1.65 -16.82
N VAL A 161 -4.06 1.23 -15.61
CA VAL A 161 -4.42 -0.17 -15.30
C VAL A 161 -5.95 -0.32 -15.20
N GLU A 162 -6.55 0.54 -14.37
CA GLU A 162 -8.00 0.67 -14.26
C GLU A 162 -8.63 0.84 -15.62
N ALA A 163 -8.17 1.83 -16.36
CA ALA A 163 -8.68 2.04 -17.72
C ALA A 163 -8.58 0.79 -18.64
N ALA A 164 -7.51 -0.01 -18.58
CA ALA A 164 -7.38 -1.20 -19.46
C ALA A 164 -8.51 -2.17 -19.17
N PHE A 165 -8.71 -2.50 -17.89
CA PHE A 165 -9.73 -3.48 -17.49
C PHE A 165 -11.14 -2.93 -17.68
N GLN A 166 -11.35 -1.67 -17.34
CA GLN A 166 -12.66 -1.06 -17.45
C GLN A 166 -13.07 -1.02 -18.93
N THR A 167 -12.09 -0.76 -19.79
CA THR A 167 -12.34 -0.64 -21.23
C THR A 167 -12.73 -2.00 -21.85
N ILE A 168 -11.95 -3.04 -21.58
CA ILE A 168 -12.27 -4.37 -22.08
C ILE A 168 -13.57 -4.89 -21.47
N LEU A 169 -13.77 -4.74 -20.15
CA LEU A 169 -15.05 -5.19 -19.58
C LEU A 169 -16.23 -4.46 -20.15
N THR A 170 -16.05 -3.18 -20.47
CA THR A 170 -17.17 -2.42 -21.02
C THR A 170 -17.45 -2.86 -22.47
N GLU A 171 -16.40 -3.23 -23.18
CA GLU A 171 -16.58 -3.59 -24.57
C GLU A 171 -17.26 -4.97 -24.62
N ILE A 172 -16.84 -5.86 -23.70
CA ILE A 172 -17.53 -7.15 -23.56
C ILE A 172 -18.99 -6.97 -23.21
N TYR A 173 -19.29 -6.08 -22.25
CA TYR A 173 -20.70 -5.82 -21.93
C TYR A 173 -21.49 -5.43 -23.18
N ARG A 174 -20.91 -4.58 -24.02
CA ARG A 174 -21.68 -4.14 -25.20
C ARG A 174 -21.95 -5.32 -26.18
N ILE A 175 -20.99 -6.25 -26.28
CA ILE A 175 -21.18 -7.38 -27.20
C ILE A 175 -22.19 -8.39 -26.68
N VAL A 176 -22.19 -8.66 -25.39
CA VAL A 176 -23.03 -9.76 -24.86
C VAL A 176 -24.37 -9.34 -24.30
N SER A 177 -24.56 -8.06 -24.00
CA SER A 177 -25.85 -7.61 -23.45
C SER A 177 -26.89 -7.32 -24.53
N LEU B 25 -14.30 3.18 86.68
CA LEU B 25 -15.06 4.01 85.74
C LEU B 25 -15.12 3.37 84.33
N TYR B 26 -16.30 3.46 83.73
CA TYR B 26 -16.64 2.65 82.58
C TYR B 26 -17.06 3.48 81.39
N PHE B 27 -17.41 2.77 80.31
CA PHE B 27 -17.92 3.37 79.09
C PHE B 27 -18.41 2.27 78.15
N GLN B 28 -19.73 2.17 77.99
CA GLN B 28 -20.32 1.14 77.13
C GLN B 28 -20.23 1.56 75.67
N GLY B 29 -20.25 2.88 75.44
CA GLY B 29 -20.17 3.42 74.09
C GLY B 29 -21.17 4.53 73.80
N ALA B 30 -21.67 5.20 74.84
CA ALA B 30 -22.71 6.21 74.69
C ALA B 30 -22.25 7.57 75.24
N MET B 34 -26.69 10.07 72.31
CA MET B 34 -25.88 9.79 71.11
C MET B 34 -24.99 8.56 71.31
N GLN B 35 -25.52 7.39 70.98
CA GLN B 35 -24.74 6.15 71.01
C GLN B 35 -23.67 6.21 69.93
N VAL B 36 -22.39 6.33 70.33
CA VAL B 36 -21.27 6.43 69.38
C VAL B 36 -21.22 5.23 68.45
N THR B 37 -21.21 5.49 67.14
CA THR B 37 -21.09 4.45 66.13
C THR B 37 -20.07 4.79 65.03
N VAL B 38 -19.46 3.78 64.43
CA VAL B 38 -18.51 4.03 63.36
C VAL B 38 -19.26 4.30 62.05
N GLN B 39 -19.20 5.56 61.59
CA GLN B 39 -19.83 5.94 60.33
C GLN B 39 -18.82 5.84 59.18
N ARG B 40 -19.32 5.65 57.95
CA ARG B 40 -18.47 5.46 56.78
C ARG B 40 -18.26 6.78 56.06
N LYS B 41 -17.07 6.98 55.52
CA LYS B 41 -16.78 8.21 54.79
C LYS B 41 -17.55 8.24 53.48
N GLU B 42 -18.07 9.43 53.14
CA GLU B 42 -18.82 9.60 51.90
C GLU B 42 -17.91 10.05 50.76
N LYS B 43 -17.65 9.14 49.82
CA LYS B 43 -16.76 9.45 48.70
C LYS B 43 -17.42 9.07 47.38
N ASP B 44 -16.88 9.60 46.29
CA ASP B 44 -17.40 9.31 44.96
C ASP B 44 -17.11 7.87 44.56
N PHE B 45 -17.86 7.38 43.58
CA PHE B 45 -17.58 6.09 42.96
C PHE B 45 -16.08 5.85 42.83
N GLN B 46 -15.59 4.85 43.54
CA GLN B 46 -14.23 4.35 43.41
C GLN B 46 -14.12 3.30 42.27
N GLY B 47 -15.26 2.78 41.82
CA GLY B 47 -15.25 1.70 40.83
C GLY B 47 -14.98 0.34 41.47
N MET B 48 -15.60 0.09 42.62
CA MET B 48 -15.49 -1.21 43.28
C MET B 48 -16.89 -1.79 43.42
N LEU B 49 -16.98 -3.08 43.71
CA LEU B 49 -18.28 -3.72 43.83
C LEU B 49 -18.26 -4.74 44.96
N GLU B 50 -19.05 -4.45 45.98
CA GLU B 50 -19.08 -5.24 47.21
C GLU B 50 -20.31 -6.11 47.19
N TYR B 51 -20.21 -7.24 47.85
CA TYR B 51 -21.39 -8.07 48.00
C TYR B 51 -21.28 -8.82 49.30
N HIS B 52 -22.40 -9.39 49.75
CA HIS B 52 -22.42 -10.18 50.98
C HIS B 52 -22.19 -11.66 50.67
N LYS B 53 -21.29 -12.27 51.43
CA LYS B 53 -20.90 -13.67 51.22
C LYS B 53 -22.13 -14.56 50.99
N GLU B 54 -23.22 -14.27 51.71
CA GLU B 54 -24.42 -15.07 51.58
C GLU B 54 -25.05 -14.96 50.18
N ASP B 55 -24.79 -13.84 49.50
CA ASP B 55 -25.38 -13.61 48.19
C ASP B 55 -24.49 -14.06 47.01
N GLU B 56 -23.45 -14.84 47.31
CA GLU B 56 -22.45 -15.18 46.29
C GLU B 56 -22.96 -16.11 45.19
N ALA B 57 -23.84 -17.05 45.54
CA ALA B 57 -24.35 -18.00 44.56
C ALA B 57 -25.30 -17.28 43.60
N LEU B 58 -25.99 -16.26 44.09
CA LEU B 58 -26.85 -15.48 43.21
C LEU B 58 -25.98 -14.75 42.18
N LEU B 59 -24.81 -14.32 42.62
CA LEU B 59 -23.87 -13.58 41.79
C LEU B 59 -23.31 -14.48 40.68
N ILE B 60 -22.69 -15.57 41.08
CA ILE B 60 -22.18 -16.57 40.16
C ILE B 60 -23.31 -17.07 39.26
N ARG B 61 -24.54 -17.06 39.75
CA ARG B 61 -25.65 -17.60 39.00
C ARG B 61 -26.12 -16.63 37.92
N ASN B 62 -26.18 -15.35 38.26
CA ASN B 62 -26.70 -14.36 37.33
C ASN B 62 -25.61 -13.77 36.45
N LEU B 63 -24.36 -13.90 36.88
CA LEU B 63 -23.24 -13.31 36.14
C LEU B 63 -22.47 -14.35 35.30
N VAL B 64 -22.51 -15.60 35.72
CA VAL B 64 -21.88 -16.68 34.99
C VAL B 64 -22.92 -17.68 34.49
N THR B 65 -23.41 -18.52 35.40
CA THR B 65 -24.24 -19.68 35.07
C THR B 65 -25.45 -19.42 34.17
N ASP B 66 -26.15 -18.32 34.38
CA ASP B 66 -27.42 -18.11 33.71
C ASP B 66 -27.34 -16.96 32.75
N LEU B 67 -26.14 -16.42 32.61
CA LEU B 67 -25.93 -15.30 31.69
C LEU B 67 -25.77 -15.80 30.26
N LYS B 68 -26.67 -15.36 29.39
CA LYS B 68 -26.58 -15.70 27.98
C LYS B 68 -25.95 -14.54 27.22
N PRO B 69 -24.93 -14.82 26.39
CA PRO B 69 -24.15 -13.81 25.68
C PRO B 69 -25.02 -12.67 25.14
N GLN B 70 -26.24 -12.99 24.68
CA GLN B 70 -27.05 -12.03 23.94
C GLN B 70 -27.73 -10.97 24.81
N MET B 71 -27.81 -11.20 26.11
CA MET B 71 -28.32 -10.21 27.05
C MET B 71 -27.42 -8.98 27.04
N LEU B 72 -26.15 -9.19 26.72
CA LEU B 72 -25.13 -8.14 26.86
C LEU B 72 -24.93 -7.33 25.59
N SER B 73 -25.68 -7.64 24.55
CA SER B 73 -25.72 -6.80 23.37
C SER B 73 -25.91 -5.35 23.83
N GLY B 74 -25.19 -4.42 23.19
CA GLY B 74 -25.35 -3.00 23.48
C GLY B 74 -24.58 -2.50 24.69
N THR B 75 -23.64 -3.30 25.20
CA THR B 75 -22.72 -2.82 26.21
C THR B 75 -21.28 -3.10 25.73
N VAL B 76 -20.29 -2.61 26.47
CA VAL B 76 -18.91 -2.83 26.10
C VAL B 76 -18.63 -4.32 26.21
N PRO B 77 -17.83 -4.86 25.29
CA PRO B 77 -17.48 -6.26 25.39
C PRO B 77 -16.77 -6.58 26.71
N CYS B 78 -17.08 -7.74 27.26
CA CYS B 78 -16.33 -8.27 28.39
C CYS B 78 -16.67 -7.56 29.70
N LEU B 79 -17.83 -6.92 29.72
CA LEU B 79 -18.35 -6.31 30.93
C LEU B 79 -18.39 -7.35 32.06
N PRO B 80 -18.78 -8.60 31.75
CA PRO B 80 -18.70 -9.58 32.84
C PRO B 80 -17.29 -9.67 33.50
N ALA B 81 -16.23 -9.63 32.70
CA ALA B 81 -14.88 -9.71 33.28
C ALA B 81 -14.51 -8.47 34.10
N TYR B 82 -14.91 -7.30 33.62
CA TYR B 82 -14.64 -6.07 34.31
C TYR B 82 -15.37 -6.09 35.65
N ILE B 83 -16.65 -6.42 35.60
CA ILE B 83 -17.47 -6.52 36.80
C ILE B 83 -16.83 -7.49 37.81
N LEU B 84 -16.36 -8.65 37.35
CA LEU B 84 -15.65 -9.57 38.23
C LEU B 84 -14.35 -8.96 38.81
N TYR B 85 -13.62 -8.19 38.01
CA TYR B 85 -12.40 -7.63 38.56
C TYR B 85 -12.78 -6.58 39.59
N MET B 86 -13.91 -5.90 39.38
CA MET B 86 -14.35 -4.84 40.31
C MET B 86 -14.76 -5.44 41.65
N CYS B 87 -15.28 -6.66 41.62
CA CYS B 87 -15.68 -7.32 42.84
C CYS B 87 -14.43 -7.77 43.59
N ILE B 88 -13.51 -8.37 42.83
CA ILE B 88 -12.22 -8.77 43.37
C ILE B 88 -11.51 -7.60 44.01
N ARG B 89 -11.59 -6.45 43.36
CA ARG B 89 -10.86 -5.29 43.80
C ARG B 89 -11.34 -4.93 45.23
N HIS B 90 -12.64 -4.82 45.40
CA HIS B 90 -13.23 -4.52 46.69
C HIS B 90 -12.80 -5.54 47.74
N ALA B 91 -12.80 -6.81 47.34
CA ALA B 91 -12.42 -7.88 48.25
C ALA B 91 -10.98 -7.69 48.68
N ASP B 92 -10.15 -7.27 47.73
CA ASP B 92 -8.75 -6.99 48.04
C ASP B 92 -8.66 -5.82 49.02
N TYR B 93 -9.64 -4.93 48.97
CA TYR B 93 -9.57 -3.65 49.65
C TYR B 93 -10.01 -3.80 51.10
N THR B 94 -10.99 -4.66 51.34
CA THR B 94 -11.41 -5.03 52.67
C THR B 94 -10.48 -6.08 53.28
N ASN B 95 -9.44 -6.47 52.53
CA ASN B 95 -8.42 -7.37 53.04
C ASN B 95 -9.01 -8.76 53.27
N ASP B 96 -10.04 -9.08 52.51
CA ASP B 96 -10.85 -10.27 52.73
C ASP B 96 -10.42 -11.41 51.81
N ASP B 97 -9.34 -12.10 52.17
CA ASP B 97 -8.79 -13.14 51.29
C ASP B 97 -9.70 -14.36 51.15
N LEU B 98 -10.61 -14.55 52.10
CA LEU B 98 -11.65 -15.57 51.98
C LEU B 98 -12.57 -15.21 50.80
N LYS B 99 -12.91 -13.93 50.66
CA LYS B 99 -13.72 -13.46 49.53
C LYS B 99 -12.98 -13.64 48.21
N VAL B 100 -11.72 -13.22 48.15
CA VAL B 100 -10.93 -13.37 46.93
C VAL B 100 -10.94 -14.83 46.43
N HIS B 101 -10.50 -15.74 47.30
CA HIS B 101 -10.43 -17.16 46.99
C HIS B 101 -11.80 -17.74 46.60
N SER B 102 -12.80 -17.48 47.45
CA SER B 102 -14.17 -17.90 47.19
C SER B 102 -14.64 -17.42 45.80
N LEU B 103 -14.56 -16.12 45.57
CA LEU B 103 -15.09 -15.54 44.35
C LEU B 103 -14.49 -16.21 43.13
N LEU B 104 -13.16 -16.16 43.03
CA LEU B 104 -12.43 -16.70 41.87
C LEU B 104 -12.68 -18.20 41.71
N THR B 105 -12.36 -18.97 42.73
CA THR B 105 -12.56 -20.42 42.66
C THR B 105 -13.96 -20.75 42.17
N SER B 106 -14.91 -19.93 42.58
CA SER B 106 -16.31 -20.20 42.34
C SER B 106 -16.67 -19.76 40.94
N THR B 107 -16.01 -18.71 40.46
CA THR B 107 -16.22 -18.21 39.10
C THR B 107 -15.63 -19.15 38.05
N ILE B 108 -14.41 -19.63 38.29
CA ILE B 108 -13.79 -20.59 37.42
C ILE B 108 -14.62 -21.86 37.29
N ASN B 109 -15.17 -22.35 38.40
CA ASN B 109 -16.05 -23.53 38.36
C ASN B 109 -17.36 -23.26 37.63
N GLY B 110 -17.93 -22.07 37.84
CA GLY B 110 -19.13 -21.68 37.11
C GLY B 110 -18.92 -21.74 35.61
N ILE B 111 -17.77 -21.24 35.15
CA ILE B 111 -17.50 -21.10 33.73
C ILE B 111 -17.31 -22.49 33.12
N LYS B 112 -16.47 -23.29 33.77
CA LYS B 112 -16.31 -24.69 33.40
C LYS B 112 -17.67 -25.37 33.33
N LYS B 113 -18.50 -25.19 34.33
CA LYS B 113 -19.81 -25.82 34.30
C LYS B 113 -20.62 -25.35 33.09
N VAL B 114 -20.62 -24.04 32.82
CA VAL B 114 -21.32 -23.57 31.63
C VAL B 114 -20.76 -24.22 30.35
N LEU B 115 -19.45 -24.42 30.28
CA LEU B 115 -18.85 -24.96 29.06
C LEU B 115 -19.05 -26.46 28.88
N LYS B 116 -19.17 -27.21 29.98
CA LYS B 116 -19.46 -28.67 29.88
C LYS B 116 -20.89 -28.83 29.38
N LYS B 117 -21.79 -27.96 29.84
CA LYS B 117 -23.18 -27.99 29.42
C LYS B 117 -23.34 -27.53 27.97
N HIS B 118 -22.67 -26.44 27.60
CA HIS B 118 -22.73 -25.95 26.24
C HIS B 118 -21.52 -26.41 25.40
N ASN B 119 -21.11 -27.66 25.51
CA ASN B 119 -19.86 -28.11 24.86
C ASN B 119 -19.87 -28.06 23.34
N ASP B 120 -21.03 -27.83 22.74
CA ASP B 120 -21.13 -27.73 21.28
C ASP B 120 -21.51 -26.35 20.78
N ASP B 121 -21.60 -25.38 21.70
CA ASP B 121 -22.11 -24.05 21.39
C ASP B 121 -20.91 -23.09 21.14
N PHE B 122 -20.72 -22.70 19.87
CA PHE B 122 -19.58 -21.86 19.46
C PHE B 122 -19.70 -20.49 20.13
N GLU B 123 -20.89 -19.92 20.10
CA GLU B 123 -21.12 -18.60 20.67
C GLU B 123 -20.81 -18.56 22.17
N MET B 124 -21.34 -19.49 22.95
CA MET B 124 -21.07 -19.51 24.38
C MET B 124 -19.61 -19.72 24.68
N THR B 125 -18.99 -20.62 23.93
CA THR B 125 -17.60 -20.97 24.18
C THR B 125 -16.70 -19.78 23.91
N SER B 126 -17.02 -19.05 22.85
CA SER B 126 -16.21 -17.91 22.49
C SER B 126 -16.50 -16.80 23.52
N PHE B 127 -17.74 -16.70 23.99
CA PHE B 127 -18.09 -15.71 24.99
C PHE B 127 -17.18 -15.82 26.22
N TRP B 128 -17.05 -17.02 26.76
CA TRP B 128 -16.27 -17.23 27.95
C TRP B 128 -14.76 -17.25 27.69
N LEU B 129 -14.37 -17.49 26.43
CA LEU B 129 -12.97 -17.35 26.08
C LEU B 129 -12.64 -15.88 26.21
N SER B 130 -13.48 -15.07 25.59
CA SER B 130 -13.21 -13.65 25.52
C SER B 130 -13.17 -13.07 26.93
N ASN B 131 -14.12 -13.48 27.77
CA ASN B 131 -14.26 -12.86 29.08
C ASN B 131 -13.18 -13.35 30.03
N THR B 132 -12.91 -14.64 29.98
CA THR B 132 -11.79 -15.22 30.70
C THR B 132 -10.48 -14.52 30.36
N CYS B 133 -10.25 -14.23 29.08
CA CYS B 133 -9.03 -13.54 28.71
C CYS B 133 -9.02 -12.10 29.26
N ARG B 134 -10.16 -11.40 29.24
CA ARG B 134 -10.16 -10.01 29.65
C ARG B 134 -9.96 -9.98 31.15
N LEU B 135 -10.54 -10.94 31.88
CA LEU B 135 -10.40 -10.99 33.33
C LEU B 135 -8.92 -11.20 33.62
N LEU B 136 -8.26 -11.99 32.78
CA LEU B 136 -6.83 -12.20 32.94
C LEU B 136 -6.05 -10.90 32.70
N HIS B 137 -6.36 -10.23 31.61
CA HIS B 137 -5.76 -8.93 31.35
C HIS B 137 -5.96 -7.99 32.55
N CYS B 138 -7.14 -8.03 33.17
CA CYS B 138 -7.42 -7.10 34.27
C CYS B 138 -6.51 -7.44 35.41
N LEU B 139 -6.39 -8.74 35.70
CA LEU B 139 -5.58 -9.16 36.83
C LEU B 139 -4.12 -8.82 36.59
N LYS B 140 -3.74 -8.71 35.33
CA LYS B 140 -2.37 -8.32 35.05
C LYS B 140 -2.28 -6.80 35.10
N GLN B 141 -3.14 -6.16 34.32
CA GLN B 141 -3.08 -4.73 34.16
C GLN B 141 -3.15 -4.01 35.49
N TYR B 142 -3.85 -4.61 36.45
CA TYR B 142 -4.05 -4.04 37.77
C TYR B 142 -3.43 -4.93 38.83
N SER B 143 -2.42 -5.71 38.44
CA SER B 143 -1.74 -6.58 39.39
C SER B 143 -1.06 -5.75 40.48
N GLY B 144 -0.36 -4.70 40.06
CA GLY B 144 0.57 -4.01 40.92
C GLY B 144 2.00 -4.24 40.45
N ASP B 145 2.22 -5.27 39.66
CA ASP B 145 3.53 -5.46 39.05
C ASP B 145 3.70 -4.36 38.01
N GLU B 146 4.78 -3.59 38.12
CA GLU B 146 5.00 -2.44 37.25
C GLU B 146 5.19 -2.87 35.79
N GLY B 147 5.54 -4.14 35.58
CA GLY B 147 5.82 -4.61 34.23
C GLY B 147 4.57 -4.83 33.39
N PHE B 148 3.43 -4.99 34.05
CA PHE B 148 2.15 -5.14 33.36
C PHE B 148 1.45 -3.78 33.27
N MET B 149 2.06 -2.77 33.90
CA MET B 149 1.38 -1.48 34.09
C MET B 149 1.91 -0.34 33.23
N THR B 150 2.90 -0.60 32.39
CA THR B 150 3.57 0.47 31.65
C THR B 150 2.60 1.37 30.87
N GLN B 151 1.41 0.88 30.57
CA GLN B 151 0.46 1.59 29.71
C GLN B 151 -0.71 2.19 30.51
N ASN B 152 -0.69 2.07 31.83
CA ASN B 152 -1.75 2.64 32.66
C ASN B 152 -1.72 4.17 32.73
N THR B 153 -2.91 4.78 32.86
CA THR B 153 -3.04 6.20 33.25
C THR B 153 -3.03 6.26 34.76
N ALA B 154 -2.67 7.42 35.33
CA ALA B 154 -2.62 7.53 36.77
C ALA B 154 -3.92 7.04 37.39
N LYS B 155 -5.06 7.52 36.89
CA LYS B 155 -6.36 7.07 37.40
C LYS B 155 -6.44 5.53 37.44
N GLN B 156 -5.96 4.88 36.38
CA GLN B 156 -5.93 3.42 36.31
C GLN B 156 -4.99 2.82 37.34
N ASN B 157 -3.82 3.42 37.51
CA ASN B 157 -2.87 2.96 38.51
C ASN B 157 -3.41 2.94 39.93
N GLU B 158 -4.46 3.72 40.20
CA GLU B 158 -4.98 3.79 41.55
C GLU B 158 -6.13 2.80 41.70
N HIS B 159 -6.48 2.10 40.61
CA HIS B 159 -7.46 1.01 40.66
C HIS B 159 -6.78 -0.35 40.81
N CYS B 160 -5.49 -0.35 41.11
CA CYS B 160 -4.73 -1.58 41.27
C CYS B 160 -5.04 -2.27 42.57
N LEU B 161 -4.85 -3.58 42.58
CA LEU B 161 -4.95 -4.34 43.82
C LEU B 161 -3.90 -3.79 44.78
N LYS B 162 -4.25 -3.68 46.06
CA LYS B 162 -3.33 -3.13 47.05
C LYS B 162 -2.71 -4.23 47.91
N ASN B 163 -3.55 -5.10 48.46
CA ASN B 163 -3.10 -6.09 49.43
C ASN B 163 -2.59 -7.42 48.84
N PHE B 164 -3.28 -7.96 47.83
CA PHE B 164 -3.04 -9.34 47.43
C PHE B 164 -2.34 -9.52 46.07
N ASP B 165 -1.39 -10.45 46.04
CA ASP B 165 -0.72 -10.85 44.82
C ASP B 165 -1.38 -12.14 44.31
N LEU B 166 -2.10 -12.03 43.20
CA LEU B 166 -2.95 -13.11 42.72
C LEU B 166 -2.31 -13.94 41.60
N THR B 167 -0.98 -14.02 41.62
CA THR B 167 -0.27 -14.68 40.53
C THR B 167 -0.82 -16.08 40.29
N GLU B 168 -0.98 -16.84 41.37
CA GLU B 168 -1.40 -18.21 41.23
C GLU B 168 -2.74 -18.31 40.52
N TYR B 169 -3.67 -17.39 40.81
CA TYR B 169 -4.94 -17.43 40.11
C TYR B 169 -4.74 -17.07 38.63
N ARG B 170 -3.81 -16.17 38.33
CA ARG B 170 -3.58 -15.81 36.94
C ARG B 170 -3.17 -17.06 36.17
N GLN B 171 -2.41 -17.94 36.81
CA GLN B 171 -1.95 -19.18 36.19
C GLN B 171 -3.12 -20.10 35.90
N VAL B 172 -3.99 -20.28 36.89
CA VAL B 172 -5.22 -21.04 36.71
C VAL B 172 -6.06 -20.46 35.56
N LEU B 173 -6.21 -19.14 35.50
CA LEU B 173 -6.99 -18.56 34.41
C LEU B 173 -6.33 -18.79 33.07
N SER B 174 -5.00 -18.82 33.04
CA SER B 174 -4.33 -19.03 31.76
C SER B 174 -4.58 -20.47 31.26
N ASP B 175 -4.51 -21.43 32.20
CA ASP B 175 -4.83 -22.82 31.92
C ASP B 175 -6.28 -22.97 31.44
N LEU B 176 -7.20 -22.24 32.05
CA LEU B 176 -8.59 -22.33 31.65
C LEU B 176 -8.78 -21.86 30.22
N SER B 177 -8.18 -20.74 29.88
CA SER B 177 -8.38 -20.20 28.55
C SER B 177 -7.85 -21.15 27.44
N ILE B 178 -6.88 -21.98 27.76
CA ILE B 178 -6.34 -22.90 26.78
C ILE B 178 -7.37 -23.99 26.60
N GLN B 179 -7.88 -24.49 27.72
CA GLN B 179 -8.91 -25.50 27.65
C GLN B 179 -10.10 -24.95 26.83
N ILE B 180 -10.43 -23.68 27.03
CA ILE B 180 -11.58 -23.12 26.35
C ILE B 180 -11.29 -22.90 24.86
N TYR B 181 -10.06 -22.53 24.55
CA TYR B 181 -9.71 -22.30 23.19
C TYR B 181 -9.82 -23.65 22.43
N GLN B 182 -9.37 -24.72 23.07
CA GLN B 182 -9.38 -26.03 22.43
C GLN B 182 -10.81 -26.46 22.12
N GLN B 183 -11.73 -26.13 23.02
CA GLN B 183 -13.14 -26.46 22.82
C GLN B 183 -13.71 -25.61 21.69
N LEU B 184 -13.26 -24.35 21.58
CA LEU B 184 -13.70 -23.51 20.48
C LEU B 184 -13.26 -24.11 19.10
N ILE B 185 -12.00 -24.53 19.00
CA ILE B 185 -11.47 -25.12 17.75
C ILE B 185 -12.24 -26.43 17.45
N LYS B 186 -12.35 -27.31 18.46
CA LYS B 186 -13.13 -28.55 18.34
C LYS B 186 -14.52 -28.29 17.78
N ILE B 187 -15.19 -27.26 18.28
CA ILE B 187 -16.55 -26.95 17.81
C ILE B 187 -16.51 -26.48 16.36
N ALA B 188 -15.62 -25.56 16.04
CA ALA B 188 -15.58 -25.01 14.70
C ALA B 188 -15.19 -26.07 13.66
N GLU B 189 -14.23 -26.93 13.98
CA GLU B 189 -13.82 -28.02 13.09
C GLU B 189 -14.97 -29.00 12.89
N GLY B 190 -15.73 -29.27 13.95
CA GLY B 190 -16.86 -30.20 13.85
C GLY B 190 -17.89 -29.68 12.85
N VAL B 191 -18.16 -28.38 12.85
CA VAL B 191 -19.10 -27.80 11.88
C VAL B 191 -18.55 -27.84 10.44
N LEU B 192 -17.26 -27.52 10.26
CA LEU B 192 -16.67 -27.38 8.94
C LEU B 192 -16.38 -28.72 8.23
N GLN B 193 -16.01 -29.74 9.01
CA GLN B 193 -15.58 -31.05 8.50
C GLN B 193 -16.42 -31.60 7.37
N PRO B 194 -17.71 -31.85 7.60
CA PRO B 194 -18.56 -32.47 6.59
C PRO B 194 -18.71 -31.62 5.34
N MET B 195 -18.26 -30.35 5.39
CA MET B 195 -18.37 -29.46 4.24
C MET B 195 -17.16 -29.50 3.30
N ILE B 196 -15.99 -29.82 3.83
CA ILE B 196 -14.75 -29.50 3.10
C ILE B 196 -14.57 -30.23 1.74
N VAL B 197 -14.69 -31.55 1.73
CA VAL B 197 -14.34 -32.32 0.52
C VAL B 197 -15.27 -31.94 -0.61
N SER B 198 -16.56 -31.96 -0.30
CA SER B 198 -17.59 -31.61 -1.26
C SER B 198 -17.37 -30.21 -1.84
N ALA B 199 -17.08 -29.23 -0.99
CA ALA B 199 -16.95 -27.85 -1.46
C ALA B 199 -15.69 -27.66 -2.27
N MET B 200 -14.60 -28.28 -1.81
CA MET B 200 -13.30 -28.04 -2.39
C MET B 200 -13.02 -28.91 -3.62
N LEU B 201 -13.61 -30.11 -3.70
CA LEU B 201 -13.24 -31.10 -4.75
C LEU B 201 -14.37 -31.63 -5.62
N GLU B 202 -15.60 -31.44 -5.19
CA GLU B 202 -16.74 -32.08 -5.85
C GLU B 202 -17.74 -31.05 -6.40
N ASN B 203 -17.21 -29.91 -6.82
CA ASN B 203 -18.07 -28.84 -7.31
C ASN B 203 -17.39 -27.89 -8.29
N GLU B 204 -17.53 -28.24 -9.57
CA GLU B 204 -17.02 -27.46 -10.68
C GLU B 204 -17.83 -26.18 -10.80
N SER B 205 -17.18 -25.05 -10.57
CA SER B 205 -17.92 -23.77 -10.49
C SER B 205 -17.38 -22.74 -11.49
N ILE B 206 -16.39 -23.11 -12.31
CA ILE B 206 -15.84 -22.19 -13.30
C ILE B 206 -15.79 -22.83 -14.66
N GLN B 207 -15.87 -22.00 -15.71
CA GLN B 207 -16.07 -22.54 -17.08
C GLN B 207 -14.78 -22.84 -17.83
N GLY B 208 -14.87 -23.78 -18.76
CA GLY B 208 -13.75 -24.08 -19.62
C GLY B 208 -12.91 -25.27 -19.18
N LEU B 209 -13.27 -25.87 -18.05
CA LEU B 209 -12.54 -27.04 -17.55
C LEU B 209 -13.05 -28.39 -18.10
N SER B 210 -14.12 -28.39 -18.90
CA SER B 210 -14.62 -29.65 -19.44
C SER B 210 -15.34 -29.44 -20.77
N ASN B 229 -25.43 -35.15 0.69
CA ASN B 229 -25.27 -33.77 1.14
C ASN B 229 -24.05 -33.07 0.53
N SER B 230 -24.30 -32.29 -0.52
CA SER B 230 -23.22 -31.56 -1.16
C SER B 230 -23.20 -30.11 -0.66
N TYR B 231 -22.00 -29.63 -0.42
CA TYR B 231 -21.80 -28.25 -0.03
C TYR B 231 -21.04 -27.51 -1.12
N CYS B 232 -21.24 -26.21 -1.17
CA CYS B 232 -20.43 -25.38 -2.03
C CYS B 232 -19.48 -24.53 -1.20
N LEU B 233 -18.60 -23.84 -1.88
CA LEU B 233 -17.59 -23.10 -1.18
C LEU B 233 -18.25 -21.89 -0.46
N GLU B 234 -19.28 -21.31 -1.07
CA GLU B 234 -20.03 -20.23 -0.44
C GLU B 234 -20.52 -20.62 0.96
N ALA B 235 -20.97 -21.86 1.15
CA ALA B 235 -21.45 -22.30 2.45
C ALA B 235 -20.32 -22.39 3.50
N ILE B 236 -19.11 -22.72 3.08
CA ILE B 236 -18.01 -22.72 4.03
C ILE B 236 -17.71 -21.28 4.45
N ILE B 237 -17.74 -20.40 3.46
CA ILE B 237 -17.42 -19.01 3.66
C ILE B 237 -18.48 -18.33 4.53
N ARG B 238 -19.75 -18.67 4.33
CA ARG B 238 -20.82 -18.18 5.18
C ARG B 238 -20.66 -18.67 6.61
N GLN B 239 -20.22 -19.91 6.77
CA GLN B 239 -20.06 -20.46 8.10
C GLN B 239 -18.88 -19.75 8.77
N MET B 240 -17.86 -19.39 8.01
CA MET B 240 -16.73 -18.74 8.62
C MET B 240 -17.02 -17.27 8.96
N ASN B 241 -17.85 -16.62 8.17
CA ASN B 241 -18.34 -15.30 8.47
C ASN B 241 -19.03 -15.36 9.81
N ALA B 242 -19.88 -16.37 9.99
CA ALA B 242 -20.65 -16.41 11.22
C ALA B 242 -19.72 -16.55 12.41
N PHE B 243 -18.71 -17.40 12.31
CA PHE B 243 -17.76 -17.54 13.40
C PHE B 243 -17.05 -16.21 13.67
N HIS B 244 -16.62 -15.56 12.61
CA HIS B 244 -15.84 -14.37 12.71
C HIS B 244 -16.67 -13.25 13.39
N THR B 245 -17.93 -13.13 12.99
CA THR B 245 -18.82 -12.10 13.51
C THR B 245 -19.05 -12.29 15.01
N VAL B 246 -19.31 -13.53 15.41
CA VAL B 246 -19.41 -13.88 16.82
C VAL B 246 -18.16 -13.45 17.58
N MET B 247 -16.97 -13.83 17.10
CA MET B 247 -15.75 -13.49 17.81
C MET B 247 -15.51 -11.98 17.89
N CYS B 248 -15.82 -11.27 16.82
CA CYS B 248 -15.70 -9.81 16.82
C CYS B 248 -16.71 -9.13 17.80
N ASP B 249 -17.99 -9.51 17.72
CA ASP B 249 -19.04 -8.87 18.47
C ASP B 249 -18.71 -9.06 19.94
N GLN B 250 -18.03 -10.14 20.30
CA GLN B 250 -17.75 -10.41 21.70
C GLN B 250 -16.39 -9.88 22.19
N GLY B 251 -15.65 -9.19 21.32
CA GLY B 251 -14.37 -8.60 21.70
C GLY B 251 -13.27 -9.57 22.04
N LEU B 252 -13.27 -10.74 21.41
CA LEU B 252 -12.13 -11.66 21.48
C LEU B 252 -10.88 -10.96 20.97
N ASP B 253 -9.75 -11.16 21.65
CA ASP B 253 -8.47 -10.61 21.20
C ASP B 253 -8.23 -10.89 19.69
N PRO B 254 -7.82 -9.87 18.92
CA PRO B 254 -7.71 -10.13 17.50
C PRO B 254 -6.60 -11.14 17.20
N GLU B 255 -5.58 -11.24 18.04
CA GLU B 255 -4.55 -12.24 17.86
C GLU B 255 -5.15 -13.63 17.98
N ILE B 256 -6.18 -13.78 18.82
CA ILE B 256 -6.79 -15.11 18.98
C ILE B 256 -7.63 -15.43 17.72
N ILE B 257 -8.40 -14.46 17.27
CA ILE B 257 -9.17 -14.62 16.06
C ILE B 257 -8.25 -15.06 14.86
N LEU B 258 -7.09 -14.42 14.73
CA LEU B 258 -6.19 -14.67 13.63
C LEU B 258 -5.76 -16.12 13.73
N GLN B 259 -5.47 -16.57 14.95
CA GLN B 259 -5.07 -17.95 15.19
C GLN B 259 -6.16 -18.98 14.93
N VAL B 260 -7.39 -18.59 15.20
CA VAL B 260 -8.50 -19.49 14.98
C VAL B 260 -8.52 -19.80 13.49
N PHE B 261 -8.37 -18.79 12.64
CA PHE B 261 -8.57 -18.99 11.22
C PHE B 261 -7.34 -19.63 10.57
N LYS B 262 -6.15 -19.28 11.03
CA LYS B 262 -4.98 -20.05 10.71
C LYS B 262 -5.28 -21.53 10.96
N GLN B 263 -5.87 -21.83 12.10
CA GLN B 263 -6.10 -23.23 12.49
C GLN B 263 -7.15 -23.89 11.59
N LEU B 264 -8.20 -23.16 11.21
CA LEU B 264 -9.26 -23.74 10.42
C LEU B 264 -8.81 -23.92 8.94
N PHE B 265 -8.04 -22.98 8.42
CA PHE B 265 -7.47 -23.11 7.10
C PHE B 265 -6.52 -24.29 7.05
N TYR B 266 -5.77 -24.52 8.11
CA TYR B 266 -4.91 -25.67 8.18
C TYR B 266 -5.76 -26.92 8.02
N MET B 267 -6.92 -26.92 8.67
CA MET B 267 -7.78 -28.06 8.59
C MET B 267 -8.28 -28.32 7.14
N ILE B 268 -8.70 -27.27 6.44
CA ILE B 268 -9.16 -27.38 5.08
C ILE B 268 -8.02 -27.93 4.21
N ASN B 269 -6.82 -27.46 4.45
CA ASN B 269 -5.67 -27.92 3.72
C ASN B 269 -5.53 -29.40 3.89
N ALA B 270 -5.54 -29.88 5.12
CA ALA B 270 -5.24 -31.26 5.37
C ALA B 270 -6.36 -32.18 4.94
N VAL B 271 -7.60 -31.76 5.22
CA VAL B 271 -8.74 -32.60 4.91
C VAL B 271 -8.87 -32.73 3.39
N THR B 272 -8.68 -31.63 2.68
CA THR B 272 -8.80 -31.67 1.23
C THR B 272 -7.62 -32.46 0.68
N LEU B 273 -6.39 -32.08 1.03
CA LEU B 273 -5.25 -32.83 0.53
C LEU B 273 -5.37 -34.32 0.82
N ASN B 274 -5.81 -34.69 2.00
CA ASN B 274 -5.84 -36.12 2.33
C ASN B 274 -6.84 -36.89 1.50
N ASN B 275 -7.91 -36.24 1.07
CA ASN B 275 -8.95 -36.93 0.30
C ASN B 275 -8.39 -37.10 -1.12
N LEU B 276 -7.72 -36.07 -1.59
CA LEU B 276 -7.14 -36.13 -2.88
C LEU B 276 -6.04 -37.23 -2.98
N LEU B 277 -5.31 -37.48 -1.89
CA LEU B 277 -4.29 -38.49 -1.85
C LEU B 277 -4.88 -39.91 -1.85
N LEU B 278 -6.22 -40.02 -1.82
CA LEU B 278 -6.85 -41.31 -1.87
C LEU B 278 -7.56 -41.54 -3.18
N ARG B 279 -7.78 -40.50 -3.99
CA ARG B 279 -8.72 -40.66 -5.11
C ARG B 279 -8.21 -40.30 -6.49
N LYS B 280 -8.22 -41.28 -7.38
CA LYS B 280 -7.93 -41.07 -8.80
C LYS B 280 -8.92 -40.12 -9.46
N ASP B 281 -10.21 -40.21 -9.09
CA ASP B 281 -11.26 -39.47 -9.78
C ASP B 281 -11.14 -37.94 -9.63
N VAL B 282 -10.26 -37.45 -8.76
CA VAL B 282 -10.14 -35.99 -8.63
C VAL B 282 -8.75 -35.52 -9.00
N CYS B 283 -7.86 -36.46 -9.32
CA CYS B 283 -6.51 -36.06 -9.71
C CYS B 283 -6.41 -35.85 -11.22
N SER B 284 -6.84 -34.69 -11.69
CA SER B 284 -6.73 -34.33 -13.11
C SER B 284 -6.37 -32.86 -13.16
N TRP B 285 -5.98 -32.34 -14.33
CA TRP B 285 -5.58 -30.95 -14.39
C TRP B 285 -6.79 -30.08 -14.07
N SER B 286 -7.97 -30.59 -14.40
CA SER B 286 -9.21 -29.83 -14.25
C SER B 286 -9.47 -29.51 -12.79
N THR B 287 -9.34 -30.54 -11.95
CA THR B 287 -9.46 -30.38 -10.53
C THR B 287 -8.36 -29.46 -10.04
N GLY B 288 -7.19 -29.56 -10.63
CA GLY B 288 -6.10 -28.72 -10.22
C GLY B 288 -6.50 -27.26 -10.31
N MET B 289 -7.12 -26.87 -11.42
CA MET B 289 -7.48 -25.49 -11.64
C MET B 289 -8.62 -25.07 -10.74
N GLN B 290 -9.66 -25.91 -10.66
CA GLN B 290 -10.81 -25.69 -9.79
C GLN B 290 -10.36 -25.45 -8.33
N LEU B 291 -9.51 -26.34 -7.86
CA LEU B 291 -8.95 -26.26 -6.52
C LEU B 291 -8.20 -24.97 -6.32
N ARG B 292 -7.38 -24.58 -7.28
CA ARG B 292 -6.66 -23.31 -7.15
C ARG B 292 -7.62 -22.12 -7.05
N TYR B 293 -8.67 -22.14 -7.86
CA TYR B 293 -9.68 -21.12 -7.84
C TYR B 293 -10.32 -21.10 -6.44
N ASN B 294 -10.68 -22.28 -5.91
CA ASN B 294 -11.31 -22.35 -4.61
C ASN B 294 -10.42 -21.72 -3.53
N ILE B 295 -9.13 -21.98 -3.64
CA ILE B 295 -8.19 -21.51 -2.69
C ILE B 295 -8.08 -20.01 -2.80
N SER B 296 -8.15 -19.48 -4.02
CA SER B 296 -8.06 -18.04 -4.18
C SER B 296 -9.31 -17.29 -3.61
N GLN B 297 -10.49 -17.92 -3.65
CA GLN B 297 -11.70 -17.36 -3.07
C GLN B 297 -11.55 -17.32 -1.56
N LEU B 298 -10.99 -18.37 -0.97
CA LEU B 298 -10.70 -18.38 0.47
C LEU B 298 -9.72 -17.27 0.84
N GLU B 299 -8.75 -17.04 -0.02
CA GLU B 299 -7.74 -16.05 0.23
C GLU B 299 -8.32 -14.64 0.15
N GLU B 300 -9.17 -14.41 -0.83
CA GLU B 300 -9.82 -13.13 -1.00
C GLU B 300 -10.79 -12.89 0.18
N TRP B 301 -11.44 -13.96 0.67
CA TRP B 301 -12.31 -13.85 1.85
C TRP B 301 -11.46 -13.32 3.03
N LEU B 302 -10.29 -13.93 3.22
CA LEU B 302 -9.38 -13.52 4.27
C LEU B 302 -9.04 -12.06 4.16
N ARG B 303 -8.77 -11.60 2.94
CA ARG B 303 -8.37 -10.21 2.80
C ARG B 303 -9.54 -9.35 3.14
N GLY B 304 -10.75 -9.82 2.84
CA GLY B 304 -11.89 -8.93 2.97
C GLY B 304 -12.16 -8.73 4.46
N ARG B 305 -11.75 -9.66 5.31
CA ARG B 305 -12.02 -9.60 6.74
C ARG B 305 -10.79 -9.17 7.51
N ASN B 306 -9.79 -8.66 6.80
CA ASN B 306 -8.51 -8.31 7.39
CA ASN B 306 -8.50 -8.29 7.42
C ASN B 306 -7.86 -9.44 8.17
N LEU B 307 -7.94 -10.64 7.60
CA LEU B 307 -7.39 -11.81 8.23
C LEU B 307 -6.18 -12.35 7.44
N HIS B 308 -5.67 -11.57 6.50
CA HIS B 308 -4.70 -12.14 5.57
C HIS B 308 -3.35 -12.34 6.26
N GLN B 309 -3.09 -11.67 7.38
CA GLN B 309 -1.80 -11.88 8.08
C GLN B 309 -1.85 -12.93 9.17
N SER B 310 -2.92 -13.72 9.20
CA SER B 310 -3.06 -14.75 10.21
C SER B 310 -2.08 -15.94 10.05
N GLY B 311 -1.43 -16.06 8.90
CA GLY B 311 -0.71 -17.28 8.61
C GLY B 311 -1.58 -18.32 7.90
N ALA B 312 -2.88 -18.03 7.72
CA ALA B 312 -3.82 -19.00 7.14
C ALA B 312 -3.42 -19.46 5.71
N VAL B 313 -3.00 -18.52 4.88
CA VAL B 313 -2.63 -18.76 3.51
C VAL B 313 -1.46 -19.74 3.48
N GLN B 314 -0.50 -19.52 4.36
CA GLN B 314 0.70 -20.32 4.37
C GLN B 314 0.35 -21.74 4.70
N THR B 315 -0.70 -21.98 5.47
CA THR B 315 -0.95 -23.36 5.87
C THR B 315 -1.51 -24.14 4.68
N MET B 316 -1.96 -23.44 3.64
CA MET B 316 -2.53 -24.07 2.47
C MET B 316 -1.47 -24.41 1.41
N GLU B 317 -0.20 -24.11 1.66
CA GLU B 317 0.83 -24.30 0.63
C GLU B 317 0.88 -25.77 0.09
N PRO B 318 0.69 -26.79 0.95
CA PRO B 318 0.69 -28.16 0.43
C PRO B 318 -0.41 -28.40 -0.59
N LEU B 319 -1.63 -27.97 -0.27
CA LEU B 319 -2.75 -28.10 -1.19
C LEU B 319 -2.56 -27.26 -2.46
N ILE B 320 -1.97 -26.08 -2.33
CA ILE B 320 -1.69 -25.25 -3.49
C ILE B 320 -0.67 -25.97 -4.41
N GLN B 321 0.33 -26.61 -3.82
CA GLN B 321 1.36 -27.27 -4.61
C GLN B 321 0.78 -28.53 -5.28
N ALA B 322 -0.12 -29.23 -4.59
CA ALA B 322 -0.82 -30.37 -5.14
C ALA B 322 -1.64 -29.90 -6.34
N ALA B 323 -2.33 -28.79 -6.18
CA ALA B 323 -3.13 -28.24 -7.26
C ALA B 323 -2.24 -27.91 -8.45
N GLN B 324 -1.04 -27.39 -8.20
CA GLN B 324 -0.12 -27.04 -9.27
C GLN B 324 0.43 -28.32 -9.94
N LEU B 325 0.79 -29.29 -9.09
CA LEU B 325 1.32 -30.55 -9.54
C LEU B 325 0.34 -31.19 -10.54
N LEU B 326 -0.95 -31.16 -10.23
CA LEU B 326 -1.98 -31.72 -11.10
C LEU B 326 -1.99 -31.07 -12.48
N GLN B 327 -1.68 -29.78 -12.55
CA GLN B 327 -1.72 -29.02 -13.79
C GLN B 327 -0.46 -29.18 -14.67
N LEU B 328 0.68 -29.52 -14.07
CA LEU B 328 1.98 -29.49 -14.75
C LEU B 328 2.20 -30.68 -15.68
N LYS B 329 3.09 -30.51 -16.66
CA LYS B 329 3.46 -31.61 -17.53
C LYS B 329 4.19 -32.69 -16.74
N LYS B 330 4.03 -33.95 -17.15
CA LYS B 330 4.53 -35.06 -16.35
C LYS B 330 5.20 -36.13 -17.24
N LYS B 331 6.00 -35.73 -18.22
CA LYS B 331 6.61 -36.72 -19.14
C LYS B 331 8.13 -36.72 -19.21
N THR B 332 8.76 -35.55 -19.30
CA THR B 332 10.21 -35.49 -19.49
C THR B 332 11.01 -35.28 -18.21
N GLN B 333 12.31 -35.44 -18.37
CA GLN B 333 13.26 -35.14 -17.32
C GLN B 333 13.10 -33.71 -16.83
N GLU B 334 13.00 -32.77 -17.76
CA GLU B 334 12.76 -31.36 -17.42
C GLU B 334 11.48 -31.23 -16.62
N ASP B 335 10.42 -31.93 -17.02
CA ASP B 335 9.14 -31.84 -16.30
C ASP B 335 9.31 -32.27 -14.84
N ALA B 336 10.09 -33.32 -14.63
CA ALA B 336 10.28 -33.90 -13.30
C ALA B 336 11.10 -32.96 -12.41
N GLU B 337 12.10 -32.33 -13.00
CA GLU B 337 12.87 -31.34 -12.27
C GLU B 337 11.97 -30.17 -11.88
N ALA B 338 11.12 -29.71 -12.79
CA ALA B 338 10.21 -28.60 -12.47
C ALA B 338 9.31 -28.99 -11.30
N ILE B 339 8.80 -30.22 -11.31
CA ILE B 339 7.96 -30.71 -10.22
C ILE B 339 8.73 -30.78 -8.87
N CYS B 340 9.93 -31.35 -8.88
CA CYS B 340 10.74 -31.41 -7.66
C CYS B 340 11.12 -30.02 -7.11
N SER B 341 11.40 -29.06 -7.99
CA SER B 341 11.72 -27.70 -7.53
C SER B 341 10.49 -27.04 -6.92
N LEU B 342 9.33 -27.26 -7.52
CA LEU B 342 8.11 -26.56 -7.12
C LEU B 342 7.39 -27.13 -5.89
N CYS B 343 7.48 -28.45 -5.69
CA CYS B 343 6.70 -29.14 -4.65
C CYS B 343 7.48 -29.33 -3.33
N THR B 344 8.04 -28.25 -2.81
CA THR B 344 8.82 -28.27 -1.57
C THR B 344 7.98 -28.52 -0.30
N SER B 345 6.67 -28.31 -0.36
CA SER B 345 5.83 -28.59 0.81
C SER B 345 5.03 -29.91 0.70
N LEU B 346 5.40 -30.76 -0.25
CA LEU B 346 4.78 -32.08 -0.37
C LEU B 346 5.88 -33.09 -0.13
N SER B 347 5.63 -34.15 0.63
CA SER B 347 6.67 -35.16 0.78
C SER B 347 6.86 -35.93 -0.54
N THR B 348 7.93 -36.69 -0.62
CA THR B 348 8.15 -37.55 -1.79
C THR B 348 7.02 -38.54 -2.00
N GLN B 349 6.66 -39.25 -0.93
CA GLN B 349 5.51 -40.15 -0.90
C GLN B 349 4.22 -39.46 -1.41
N GLN B 350 4.00 -38.19 -1.05
CA GLN B 350 2.80 -37.50 -1.52
C GLN B 350 2.86 -37.15 -2.98
N ILE B 351 4.00 -36.66 -3.44
CA ILE B 351 4.18 -36.35 -4.84
C ILE B 351 4.00 -37.66 -5.66
N VAL B 352 4.65 -38.72 -5.21
CA VAL B 352 4.54 -40.02 -5.90
C VAL B 352 3.08 -40.50 -5.89
N LYS B 353 2.37 -40.35 -4.76
CA LYS B 353 0.97 -40.83 -4.69
C LYS B 353 0.12 -40.12 -5.74
N ILE B 354 0.23 -38.80 -5.79
CA ILE B 354 -0.54 -38.04 -6.76
C ILE B 354 -0.20 -38.40 -8.23
N LEU B 355 1.08 -38.59 -8.53
CA LEU B 355 1.49 -38.96 -9.88
C LEU B 355 0.88 -40.34 -10.20
N ASN B 356 0.96 -41.27 -9.27
CA ASN B 356 0.32 -42.58 -9.42
C ASN B 356 -1.20 -42.49 -9.61
N LEU B 357 -1.85 -41.52 -8.96
CA LEU B 357 -3.32 -41.45 -9.01
C LEU B 357 -3.74 -40.70 -10.26
N TYR B 358 -2.82 -39.93 -10.83
CA TYR B 358 -3.18 -38.97 -11.87
C TYR B 358 -3.94 -39.67 -12.97
N THR B 359 -5.11 -39.14 -13.32
CA THR B 359 -5.99 -39.75 -14.29
C THR B 359 -6.49 -38.77 -15.34
N PRO B 360 -5.95 -38.84 -16.56
CA PRO B 360 -6.43 -37.89 -17.57
C PRO B 360 -7.96 -37.97 -17.74
N LEU B 361 -8.61 -36.90 -18.18
CA LEU B 361 -10.05 -36.94 -18.43
C LEU B 361 -10.36 -37.07 -19.92
N ASN B 362 -9.42 -36.71 -20.79
CA ASN B 362 -9.54 -37.00 -22.23
C ASN B 362 -8.53 -38.06 -22.65
N GLU B 363 -8.97 -39.07 -23.40
CA GLU B 363 -8.06 -40.11 -23.85
C GLU B 363 -6.84 -39.55 -24.61
N PHE B 364 -6.97 -38.29 -25.05
CA PHE B 364 -5.89 -37.57 -25.72
C PHE B 364 -4.71 -37.21 -24.80
N GLU B 365 -4.82 -37.56 -23.52
CA GLU B 365 -3.75 -37.36 -22.54
C GLU B 365 -3.35 -38.74 -21.99
N GLU B 366 -2.16 -38.86 -21.38
CA GLU B 366 -1.69 -40.17 -20.93
C GLU B 366 -1.43 -40.26 -19.41
N ARG B 367 -1.50 -41.47 -18.87
CA ARG B 367 -1.18 -41.72 -17.48
C ARG B 367 0.33 -41.56 -17.24
N VAL B 368 0.72 -41.19 -16.03
CA VAL B 368 2.13 -41.03 -15.74
C VAL B 368 2.81 -42.40 -15.86
N THR B 369 4.03 -42.44 -16.43
CA THR B 369 4.75 -43.74 -16.56
C THR B 369 5.55 -44.08 -15.28
N VAL B 370 5.80 -45.36 -15.12
CA VAL B 370 6.68 -45.87 -14.08
C VAL B 370 8.08 -45.21 -14.14
N ALA B 371 8.65 -45.07 -15.35
CA ALA B 371 9.96 -44.45 -15.48
C ALA B 371 9.93 -43.00 -14.96
N PHE B 372 8.86 -42.29 -15.30
CA PHE B 372 8.73 -40.91 -14.81
C PHE B 372 8.72 -40.86 -13.28
N ILE B 373 7.94 -41.72 -12.65
CA ILE B 373 7.91 -41.79 -11.20
C ILE B 373 9.30 -42.11 -10.62
N ARG B 374 10.01 -43.07 -11.22
CA ARG B 374 11.32 -43.41 -10.70
C ARG B 374 12.31 -42.24 -10.77
N THR B 375 12.16 -41.42 -11.82
CA THR B 375 12.97 -40.23 -12.00
C THR B 375 12.67 -39.26 -10.84
N ILE B 376 11.40 -39.12 -10.49
CA ILE B 376 11.02 -38.28 -9.36
C ILE B 376 11.67 -38.81 -8.08
N GLN B 377 11.49 -40.09 -7.84
CA GLN B 377 12.03 -40.75 -6.66
C GLN B 377 13.54 -40.54 -6.53
N ALA B 378 14.29 -40.70 -7.63
CA ALA B 378 15.74 -40.50 -7.61
C ALA B 378 16.11 -39.02 -7.31
N GLN B 379 15.32 -38.09 -7.85
CA GLN B 379 15.63 -36.69 -7.67
C GLN B 379 15.35 -36.25 -6.23
N LEU B 380 14.40 -36.90 -5.56
CA LEU B 380 14.00 -36.48 -4.20
C LEU B 380 14.72 -37.21 -3.06
N GLN B 381 15.79 -37.93 -3.40
CA GLN B 381 16.62 -38.67 -2.42
C GLN B 381 17.18 -37.90 -1.20
N GLU B 382 17.55 -36.64 -1.35
CA GLU B 382 18.16 -35.93 -0.22
C GLU B 382 17.13 -35.56 0.84
N ARG B 383 15.85 -35.81 0.56
CA ARG B 383 14.77 -35.42 1.45
C ARG B 383 14.70 -36.27 2.72
N ASN B 384 14.13 -35.68 3.77
CA ASN B 384 13.79 -36.39 4.99
C ASN B 384 12.34 -36.09 5.32
N ASP B 385 11.44 -36.86 4.70
CA ASP B 385 10.00 -36.61 4.80
C ASP B 385 9.40 -37.50 5.87
N PRO B 386 8.16 -37.17 6.29
CA PRO B 386 7.52 -38.00 7.31
C PRO B 386 7.14 -39.36 6.74
N GLN B 387 7.05 -40.36 7.61
CA GLN B 387 6.74 -41.74 7.21
C GLN B 387 5.30 -41.88 6.73
N GLN B 388 4.39 -41.13 7.33
CA GLN B 388 2.96 -41.21 7.03
C GLN B 388 2.60 -40.40 5.78
N LEU B 389 1.93 -41.05 4.82
CA LEU B 389 1.39 -40.37 3.65
C LEU B 389 0.45 -39.17 3.95
N LEU B 390 -0.51 -39.36 4.84
CA LEU B 390 -1.56 -38.35 5.06
C LEU B 390 -1.11 -37.32 6.11
N LEU B 391 -1.57 -36.09 5.95
CA LEU B 391 -1.47 -35.06 6.98
C LEU B 391 -2.38 -35.34 8.18
N ASP B 392 -1.92 -34.94 9.36
CA ASP B 392 -2.73 -35.05 10.59
C ASP B 392 -3.70 -33.87 10.62
N ALA B 393 -4.98 -34.14 10.38
CA ALA B 393 -5.93 -33.06 10.15
C ALA B 393 -6.32 -32.43 11.46
N LYS B 394 -5.97 -33.13 12.55
CA LYS B 394 -6.35 -32.73 13.89
C LYS B 394 -5.17 -32.04 14.56
N HIS B 395 -4.08 -31.85 13.84
CA HIS B 395 -2.94 -31.08 14.38
C HIS B 395 -3.38 -29.71 14.95
N MET B 396 -3.00 -29.43 16.19
CA MET B 396 -3.27 -28.12 16.81
C MET B 396 -2.04 -27.25 16.99
N PHE B 397 -2.01 -26.06 16.37
CA PHE B 397 -0.95 -25.10 16.64
C PHE B 397 -1.09 -24.60 18.08
N PRO B 398 0.00 -24.61 18.84
CA PRO B 398 -0.03 -24.01 20.19
C PRO B 398 -0.47 -22.53 20.17
N VAL B 399 -1.46 -22.19 20.99
CA VAL B 399 -1.98 -20.82 20.98
C VAL B 399 -1.07 -19.92 21.82
N LEU B 400 -0.76 -18.74 21.30
CA LEU B 400 -0.09 -17.69 22.04
C LEU B 400 -1.11 -16.59 22.41
N PHE B 401 -1.43 -16.47 23.68
CA PHE B 401 -2.39 -15.47 24.13
C PHE B 401 -1.67 -14.16 24.41
N PRO B 402 -2.11 -13.07 23.78
CA PRO B 402 -1.48 -11.76 24.00
C PRO B 402 -1.90 -11.16 25.34
N PHE B 403 -1.20 -10.13 25.82
CA PHE B 403 -1.70 -9.33 26.97
C PHE B 403 -2.14 -8.00 26.40
N ASN B 404 -3.43 -7.70 26.46
CA ASN B 404 -3.94 -6.47 25.81
C ASN B 404 -4.63 -5.53 26.79
N PRO B 405 -3.84 -4.80 27.60
CA PRO B 405 -4.51 -3.88 28.55
C PRO B 405 -5.41 -2.88 27.84
N SER B 406 -6.46 -2.38 28.52
CA SER B 406 -7.37 -1.43 27.88
C SER B 406 -7.38 -0.08 28.57
N SER B 407 -8.13 0.88 28.00
CA SER B 407 -8.25 2.24 28.57
C SER B 407 -9.55 2.40 29.31
N LEU B 408 -10.30 1.33 29.51
CA LEU B 408 -11.50 1.46 30.33
C LEU B 408 -11.11 1.81 31.76
N THR B 409 -11.85 2.73 32.38
CA THR B 409 -11.63 3.12 33.77
C THR B 409 -12.69 2.45 34.64
N MET B 410 -12.29 1.71 35.67
CA MET B 410 -13.25 0.99 36.50
C MET B 410 -14.33 1.92 37.08
N ASP B 411 -13.96 3.19 37.33
CA ASP B 411 -14.86 4.11 38.02
C ASP B 411 -15.82 4.80 37.07
N SER B 412 -15.87 4.34 35.83
CA SER B 412 -16.86 4.80 34.87
C SER B 412 -17.78 3.64 34.46
N ILE B 413 -17.53 2.45 35.01
CA ILE B 413 -18.30 1.25 34.65
C ILE B 413 -19.48 1.04 35.59
N HIS B 414 -20.66 0.81 35.02
CA HIS B 414 -21.89 0.58 35.81
C HIS B 414 -22.66 -0.62 35.28
N ILE B 415 -23.27 -1.38 36.20
CA ILE B 415 -23.98 -2.60 35.83
C ILE B 415 -25.33 -2.28 35.18
N PRO B 416 -25.57 -2.84 33.97
CA PRO B 416 -26.88 -2.70 33.33
C PRO B 416 -27.92 -3.50 34.10
N ALA B 417 -29.09 -2.92 34.40
CA ALA B 417 -30.11 -3.61 35.20
C ALA B 417 -30.45 -5.02 34.70
N CYS B 418 -30.39 -5.23 33.39
CA CYS B 418 -30.80 -6.50 32.79
C CYS B 418 -30.07 -7.72 33.37
N LEU B 419 -28.92 -7.47 34.02
CA LEU B 419 -28.15 -8.55 34.62
C LEU B 419 -28.70 -8.97 35.99
N ASN B 420 -29.71 -8.26 36.48
CA ASN B 420 -30.30 -8.59 37.77
C ASN B 420 -29.22 -8.74 38.84
N LEU B 421 -28.32 -7.76 38.91
CA LEU B 421 -27.33 -7.71 39.98
C LEU B 421 -27.54 -6.45 40.84
N GLU B 422 -28.81 -6.14 41.11
CA GLU B 422 -29.15 -4.99 41.95
C GLU B 422 -28.56 -5.14 43.36
N PHE B 423 -28.41 -6.39 43.80
CA PHE B 423 -27.85 -6.67 45.13
C PHE B 423 -26.35 -6.41 45.19
N LEU B 424 -25.76 -5.92 44.11
CA LEU B 424 -24.39 -5.45 44.16
C LEU B 424 -24.40 -3.97 44.49
N ASN B 425 -23.42 -3.51 45.25
CA ASN B 425 -23.36 -2.11 45.62
C ASN B 425 -22.06 -1.44 45.25
N GLU B 426 -22.18 -0.27 44.64
CA GLU B 426 -21.03 0.45 44.18
C GLU B 426 -20.25 1.03 45.35
N VAL B 427 -18.93 0.97 45.24
CA VAL B 427 -18.05 1.59 46.21
C VAL B 427 -16.96 2.33 45.44
N GLU C 7 -10.75 20.03 -13.23
CA GLU C 7 -12.12 20.53 -13.30
C GLU C 7 -12.93 20.03 -12.12
N TYR C 8 -13.85 20.86 -11.64
CA TYR C 8 -14.76 20.46 -10.57
C TYR C 8 -16.01 21.34 -10.60
N ASP C 9 -17.14 20.77 -10.19
CA ASP C 9 -18.43 21.47 -10.24
C ASP C 9 -18.77 22.15 -8.91
N TYR C 10 -18.25 21.59 -7.83
CA TYR C 10 -18.41 22.16 -6.49
C TYR C 10 -17.14 21.95 -5.66
N LEU C 11 -16.94 22.81 -4.67
CA LEU C 11 -15.76 22.78 -3.82
C LEU C 11 -16.21 22.93 -2.37
N PHE C 12 -16.18 21.82 -1.63
CA PHE C 12 -16.70 21.76 -0.27
C PHE C 12 -15.58 21.76 0.78
N LYS C 13 -15.57 22.79 1.63
CA LYS C 13 -14.60 22.88 2.72
C LYS C 13 -15.13 22.17 3.96
N VAL C 14 -14.40 21.15 4.38
CA VAL C 14 -14.82 20.31 5.48
C VAL C 14 -13.71 20.27 6.52
N VAL C 15 -14.07 20.44 7.79
CA VAL C 15 -13.10 20.44 8.88
C VAL C 15 -13.13 19.13 9.69
N LEU C 16 -11.98 18.71 10.20
CA LEU C 16 -11.93 17.55 11.09
C LEU C 16 -11.61 18.06 12.51
N ILE C 17 -12.40 17.65 13.51
CA ILE C 17 -12.11 18.05 14.89
C ILE C 17 -12.32 16.95 15.95
N GLY C 18 -11.62 17.06 17.09
CA GLY C 18 -11.71 16.09 18.17
C GLY C 18 -10.36 15.90 18.84
N ASP C 19 -10.28 15.11 19.90
CA ASP C 19 -9.01 15.01 20.65
C ASP C 19 -7.84 14.52 19.81
N SER C 20 -6.64 14.90 20.26
CA SER C 20 -5.40 14.37 19.69
C SER C 20 -5.44 12.86 19.82
N GLY C 21 -5.00 12.18 18.78
CA GLY C 21 -4.91 10.73 18.85
C GLY C 21 -6.13 9.95 18.37
N VAL C 22 -7.25 10.63 18.09
CA VAL C 22 -8.47 9.88 17.75
C VAL C 22 -8.47 9.38 16.32
N GLY C 23 -7.63 9.98 15.50
CA GLY C 23 -7.40 9.52 14.15
C GLY C 23 -7.94 10.41 13.04
N LYS C 24 -8.01 11.72 13.28
CA LYS C 24 -8.44 12.64 12.22
C LYS C 24 -7.50 12.61 10.99
N SER C 25 -6.21 12.69 11.23
CA SER C 25 -5.28 12.73 10.13
C SER C 25 -5.22 11.41 9.35
N ASN C 26 -5.44 10.28 10.02
CA ASN C 26 -5.47 9.01 9.28
C ASN C 26 -6.74 8.80 8.52
N LEU C 27 -7.82 9.38 9.00
CA LEU C 27 -9.03 9.38 8.20
C LEU C 27 -8.74 10.14 6.93
N LEU C 28 -8.06 11.28 7.07
CA LEU C 28 -7.75 12.10 5.90
C LEU C 28 -6.88 11.37 4.86
N SER C 29 -5.78 10.77 5.31
CA SER C 29 -4.88 10.08 4.41
C SER C 29 -5.54 8.82 3.83
N ARG C 30 -6.37 8.14 4.64
CA ARG C 30 -7.08 6.98 4.11
C ARG C 30 -8.06 7.44 3.03
N PHE C 31 -8.77 8.54 3.28
CA PHE C 31 -9.74 8.99 2.29
C PHE C 31 -9.07 9.53 1.01
N THR C 32 -8.12 10.44 1.18
CA THR C 32 -7.56 11.19 0.04
C THR C 32 -6.48 10.45 -0.74
N ARG C 33 -5.80 9.49 -0.14
CA ARG C 33 -4.75 8.76 -0.85
C ARG C 33 -4.61 7.33 -0.38
N ASN C 34 -5.73 6.72 0.00
CA ASN C 34 -5.72 5.34 0.51
C ASN C 34 -4.47 4.96 1.32
N GLU C 35 -3.96 5.84 2.19
CA GLU C 35 -2.84 5.47 3.07
C GLU C 35 -3.24 5.49 4.54
N PHE C 36 -2.57 4.67 5.34
CA PHE C 36 -2.71 4.70 6.77
C PHE C 36 -1.32 4.62 7.34
N ASN C 37 -1.07 5.38 8.40
CA ASN C 37 0.23 5.38 9.04
C ASN C 37 0.08 5.11 10.53
N LEU C 38 0.42 3.90 10.95
CA LEU C 38 0.46 3.58 12.39
C LEU C 38 1.33 4.58 13.12
N GLU C 39 2.31 5.12 12.40
CA GLU C 39 3.20 6.12 12.98
C GLU C 39 2.80 7.47 12.43
N SER C 40 1.91 8.14 13.14
CA SER C 40 1.37 9.40 12.66
C SER C 40 1.89 10.54 13.49
N LYS C 41 2.35 11.56 12.81
CA LYS C 41 2.79 12.76 13.49
C LYS C 41 1.54 13.53 13.92
N SER C 42 1.51 13.91 15.19
CA SER C 42 0.58 14.93 15.64
C SER C 42 0.53 16.18 14.75
N THR C 43 -0.68 16.57 14.38
CA THR C 43 -0.89 17.73 13.53
C THR C 43 -0.65 19.07 14.23
N ILE C 44 0.07 19.96 13.53
CA ILE C 44 0.42 21.28 14.00
C ILE C 44 -0.36 22.25 13.15
N GLY C 45 -1.12 23.12 13.81
CA GLY C 45 -1.85 24.18 13.12
C GLY C 45 -2.91 23.51 12.26
N VAL C 46 -3.18 24.08 11.10
CA VAL C 46 -4.07 23.47 10.15
C VAL C 46 -3.26 22.83 9.01
N GLU C 47 -3.67 21.64 8.62
CA GLU C 47 -3.12 20.94 7.45
C GLU C 47 -4.24 20.66 6.46
N PHE C 48 -3.88 20.34 5.22
CA PHE C 48 -4.87 20.23 4.15
C PHE C 48 -4.68 18.98 3.25
N ALA C 49 -5.77 18.53 2.65
CA ALA C 49 -5.70 17.50 1.62
C ALA C 49 -6.97 17.59 0.82
N THR C 50 -6.88 17.24 -0.47
CA THR C 50 -8.02 17.35 -1.36
C THR C 50 -8.24 16.07 -2.14
N ARG C 51 -9.49 15.84 -2.52
CA ARG C 51 -9.83 14.75 -3.42
C ARG C 51 -11.22 15.01 -4.03
N SER C 52 -11.39 14.59 -5.28
CA SER C 52 -12.66 14.74 -6.00
C SER C 52 -13.48 13.46 -6.02
N ILE C 53 -14.79 13.62 -6.02
CA ILE C 53 -15.71 12.49 -6.12
C ILE C 53 -16.83 12.82 -7.09
N GLN C 54 -17.70 11.84 -7.33
CA GLN C 54 -18.91 12.10 -8.09
C GLN C 54 -20.12 11.98 -7.17
N VAL C 55 -21.09 12.88 -7.37
CA VAL C 55 -22.38 12.79 -6.71
C VAL C 55 -23.38 13.47 -7.61
N ASP C 56 -24.49 12.78 -7.91
CA ASP C 56 -25.50 13.32 -8.81
C ASP C 56 -24.84 13.72 -10.13
N GLY C 57 -23.90 12.89 -10.59
CA GLY C 57 -23.24 13.11 -11.86
C GLY C 57 -22.38 14.37 -11.94
N LYS C 58 -22.32 15.14 -10.86
CA LYS C 58 -21.49 16.32 -10.81
C LYS C 58 -20.19 15.98 -10.10
N THR C 59 -19.14 16.74 -10.35
CA THR C 59 -17.85 16.53 -9.71
C THR C 59 -17.72 17.40 -8.46
N ILE C 60 -17.58 16.75 -7.31
CA ILE C 60 -17.46 17.46 -6.03
C ILE C 60 -16.03 17.34 -5.48
N LYS C 61 -15.29 18.45 -5.51
CA LYS C 61 -13.92 18.48 -5.01
C LYS C 61 -13.89 18.80 -3.52
N ALA C 62 -13.50 17.81 -2.72
CA ALA C 62 -13.39 17.97 -1.28
C ALA C 62 -12.08 18.67 -0.90
N GLN C 63 -12.20 19.77 -0.17
CA GLN C 63 -11.06 20.46 0.41
C GLN C 63 -11.09 20.26 1.92
N ILE C 64 -10.28 19.34 2.43
CA ILE C 64 -10.40 18.95 3.82
C ILE C 64 -9.38 19.70 4.69
N TRP C 65 -9.87 20.41 5.72
CA TRP C 65 -9.04 21.10 6.73
C TRP C 65 -8.84 20.26 7.99
N ASP C 66 -7.63 19.75 8.16
CA ASP C 66 -7.31 18.84 9.27
C ASP C 66 -6.67 19.68 10.35
N THR C 67 -7.16 19.55 11.57
CA THR C 67 -6.75 20.45 12.65
C THR C 67 -6.15 19.71 13.84
N ALA C 68 -5.37 20.44 14.61
CA ALA C 68 -4.64 19.88 15.74
C ALA C 68 -5.60 19.61 16.87
N GLY C 69 -5.48 18.46 17.51
CA GLY C 69 -6.21 18.18 18.74
C GLY C 69 -5.48 18.70 19.98
N GLN C 70 -4.14 18.53 20.06
CA GLN C 70 -3.34 19.05 21.19
C GLN C 70 -3.40 20.56 21.28
N GLU C 71 -3.94 21.08 22.37
CA GLU C 71 -3.93 22.53 22.60
C GLU C 71 -2.56 23.23 22.34
N ARG C 72 -1.45 22.58 22.65
CA ARG C 72 -0.13 23.21 22.40
C ARG C 72 0.26 23.21 20.90
N TYR C 73 -0.55 22.59 20.05
CA TYR C 73 -0.27 22.64 18.62
C TYR C 73 -1.35 23.41 17.87
N ARG C 74 -2.28 24.01 18.59
CA ARG C 74 -3.42 24.62 17.93
C ARG C 74 -3.11 26.01 17.38
N ALA C 75 -3.86 26.37 16.34
CA ALA C 75 -3.77 27.68 15.75
C ALA C 75 -4.39 28.67 16.73
N ILE C 76 -3.88 29.89 16.76
CA ILE C 76 -4.26 30.85 17.79
C ILE C 76 -5.71 31.33 17.69
N THR C 77 -6.39 30.93 16.61
CA THR C 77 -7.79 31.31 16.42
C THR C 77 -8.55 30.26 15.61
N SER C 78 -9.68 29.82 16.17
CA SER C 78 -10.58 28.92 15.48
C SER C 78 -11.35 29.62 14.36
N ALA C 79 -11.11 30.91 14.20
CA ALA C 79 -11.77 31.71 13.16
C ALA C 79 -11.73 31.01 11.79
N TYR C 80 -10.87 30.01 11.67
CA TYR C 80 -10.71 29.23 10.44
C TYR C 80 -11.91 28.35 10.13
N TYR C 81 -12.86 28.27 11.06
CA TYR C 81 -14.09 27.53 10.82
C TYR C 81 -14.94 28.16 9.71
N ARG C 82 -14.98 29.49 9.61
CA ARG C 82 -15.84 30.17 8.64
C ARG C 82 -15.60 29.65 7.21
N GLY C 83 -16.69 29.37 6.49
CA GLY C 83 -16.60 28.89 5.11
C GLY C 83 -16.83 27.39 5.00
N ALA C 84 -16.29 26.64 5.96
CA ALA C 84 -16.49 25.20 6.01
C ALA C 84 -17.98 24.90 5.91
N VAL C 85 -18.34 24.01 5.01
CA VAL C 85 -19.74 23.61 4.86
C VAL C 85 -19.99 22.26 5.53
N GLY C 86 -18.93 21.59 5.93
CA GLY C 86 -19.02 20.29 6.59
C GLY C 86 -18.02 20.18 7.73
N ALA C 87 -18.24 19.20 8.61
CA ALA C 87 -17.40 19.00 9.79
C ALA C 87 -17.53 17.59 10.37
N LEU C 88 -16.44 16.81 10.31
CA LEU C 88 -16.40 15.52 11.00
C LEU C 88 -15.90 15.77 12.42
N LEU C 89 -16.68 15.29 13.39
CA LEU C 89 -16.35 15.43 14.82
C LEU C 89 -15.99 14.02 15.31
N VAL C 90 -14.72 13.79 15.66
CA VAL C 90 -14.22 12.42 15.80
C VAL C 90 -13.87 12.08 17.25
N TYR C 91 -14.19 10.89 17.71
CA TYR C 91 -13.59 10.38 18.96
C TYR C 91 -13.06 8.95 18.70
N ASP C 92 -12.43 8.39 19.73
CA ASP C 92 -11.84 7.06 19.66
C ASP C 92 -12.72 6.09 20.44
N ILE C 93 -13.31 5.09 19.79
CA ILE C 93 -14.23 4.19 20.50
C ILE C 93 -13.51 3.44 21.62
N ALA C 94 -12.19 3.44 21.57
CA ALA C 94 -11.43 2.74 22.59
C ALA C 94 -11.03 3.66 23.77
N LYS C 95 -11.45 4.92 23.78
CA LYS C 95 -11.07 5.85 24.86
C LYS C 95 -12.24 6.73 25.20
N HIS C 96 -12.97 6.34 26.24
CA HIS C 96 -14.14 7.05 26.65
C HIS C 96 -13.88 8.53 26.93
N LEU C 97 -12.65 8.90 27.31
CA LEU C 97 -12.36 10.33 27.60
C LEU C 97 -12.44 11.17 26.32
N THR C 98 -12.05 10.61 25.15
CA THR C 98 -12.11 11.37 23.90
C THR C 98 -13.55 11.60 23.52
N TYR C 99 -14.41 10.68 23.97
CA TYR C 99 -15.81 10.76 23.69
C TYR C 99 -16.46 11.75 24.67
N GLU C 100 -15.91 11.86 25.88
CA GLU C 100 -16.49 12.84 26.83
C GLU C 100 -16.13 14.22 26.32
N ASN C 101 -14.92 14.34 25.79
CA ASN C 101 -14.44 15.63 25.36
C ASN C 101 -15.18 16.11 24.11
N VAL C 102 -16.04 15.25 23.54
CA VAL C 102 -16.78 15.68 22.34
C VAL C 102 -17.62 16.93 22.60
N GLU C 103 -18.15 17.07 23.81
CA GLU C 103 -19.03 18.21 24.09
C GLU C 103 -18.27 19.52 23.87
N ARG C 104 -17.05 19.59 24.39
CA ARG C 104 -16.21 20.76 24.19
C ARG C 104 -16.08 21.06 22.70
N TRP C 105 -15.86 20.04 21.87
CA TRP C 105 -15.77 20.27 20.42
C TRP C 105 -17.12 20.74 19.76
N LEU C 106 -18.27 20.22 20.19
CA LEU C 106 -19.55 20.66 19.63
C LEU C 106 -19.76 22.17 19.94
N LYS C 107 -19.68 22.54 21.22
CA LYS C 107 -19.65 23.93 21.64
C LYS C 107 -18.88 24.82 20.67
N GLU C 108 -17.58 24.59 20.62
CA GLU C 108 -16.65 25.40 19.83
C GLU C 108 -17.06 25.44 18.37
N LEU C 109 -17.81 24.44 17.92
CA LEU C 109 -18.27 24.42 16.55
C LEU C 109 -19.44 25.38 16.42
N ARG C 110 -20.33 25.31 17.40
CA ARG C 110 -21.52 26.13 17.43
C ARG C 110 -21.18 27.62 17.40
N ASP C 111 -19.98 27.96 17.91
CA ASP C 111 -19.58 29.34 18.11
C ASP C 111 -18.97 29.94 16.85
N HIS C 112 -17.95 29.30 16.30
CA HIS C 112 -17.22 29.89 15.20
C HIS C 112 -17.64 29.32 13.83
N ALA C 113 -18.76 28.60 13.78
CA ALA C 113 -19.21 27.99 12.54
C ALA C 113 -20.52 28.60 12.02
N ASP C 114 -20.81 28.34 10.76
CA ASP C 114 -22.01 28.87 10.11
C ASP C 114 -23.22 27.98 10.36
N SER C 115 -24.37 28.61 10.60
CA SER C 115 -25.54 27.94 11.13
C SER C 115 -25.95 26.66 10.41
N ASN C 116 -25.70 26.57 9.10
CA ASN C 116 -26.18 25.43 8.34
C ASN C 116 -25.16 24.28 8.22
N ILE C 117 -23.96 24.43 8.77
CA ILE C 117 -22.95 23.39 8.56
C ILE C 117 -23.43 22.01 8.98
N VAL C 118 -23.08 21.06 8.12
CA VAL C 118 -23.41 19.66 8.29
C VAL C 118 -22.39 19.03 9.22
N ILE C 119 -22.87 18.41 10.29
CA ILE C 119 -22.00 17.81 11.29
C ILE C 119 -22.15 16.30 11.38
N MET C 120 -21.06 15.57 11.18
CA MET C 120 -21.08 14.10 11.35
C MET C 120 -20.25 13.71 12.57
N LEU C 121 -20.87 12.99 13.51
CA LEU C 121 -20.13 12.42 14.64
C LEU C 121 -19.54 11.09 14.19
N VAL C 122 -18.26 10.88 14.51
CA VAL C 122 -17.50 9.73 14.04
C VAL C 122 -16.76 9.04 15.20
N GLY C 123 -17.17 7.82 15.50
CA GLY C 123 -16.42 6.99 16.43
C GLY C 123 -15.39 6.23 15.60
N ASN C 124 -14.15 6.67 15.65
CA ASN C 124 -13.10 6.07 14.85
C ASN C 124 -12.45 4.91 15.61
N LYS C 125 -11.63 4.14 14.91
CA LYS C 125 -10.95 2.96 15.45
C LYS C 125 -11.90 1.81 15.78
N SER C 126 -12.90 1.58 14.93
CA SER C 126 -13.82 0.47 15.15
C SER C 126 -13.16 -0.91 15.04
N ASP C 127 -11.95 -0.96 14.50
CA ASP C 127 -11.19 -2.22 14.44
C ASP C 127 -10.79 -2.67 15.85
N LEU C 128 -10.73 -1.75 16.83
CA LEU C 128 -10.30 -2.13 18.17
C LEU C 128 -11.44 -2.67 19.02
N ARG C 129 -12.09 -3.71 18.51
CA ARG C 129 -13.33 -4.23 19.06
C ARG C 129 -13.16 -4.78 20.47
N HIS C 130 -11.98 -5.29 20.74
CA HIS C 130 -11.71 -5.89 22.04
C HIS C 130 -11.37 -4.84 23.14
N LEU C 131 -11.12 -3.60 22.71
CA LEU C 131 -10.79 -2.47 23.61
C LEU C 131 -11.92 -1.44 23.68
N ARG C 132 -13.10 -1.78 23.18
CA ARG C 132 -14.13 -0.78 23.02
C ARG C 132 -14.63 -0.23 24.38
N ALA C 133 -14.52 1.08 24.55
CA ALA C 133 -15.00 1.78 25.76
C ALA C 133 -16.28 2.58 25.58
N VAL C 134 -16.64 2.86 24.33
CA VAL C 134 -17.86 3.61 24.05
C VAL C 134 -18.86 2.79 23.24
N PRO C 135 -19.87 2.20 23.89
CA PRO C 135 -20.87 1.42 23.14
C PRO C 135 -21.48 2.25 22.05
N THR C 136 -21.79 1.62 20.92
CA THR C 136 -22.43 2.31 19.79
C THR C 136 -23.75 3.00 20.19
N ASP C 137 -24.49 2.40 21.11
CA ASP C 137 -25.78 2.97 21.49
C ASP C 137 -25.58 4.28 22.22
N GLU C 138 -24.66 4.28 23.19
CA GLU C 138 -24.36 5.49 23.93
C GLU C 138 -24.06 6.68 23.00
N ALA C 139 -23.38 6.42 21.89
CA ALA C 139 -22.99 7.49 20.95
C ALA C 139 -24.05 7.85 19.91
N ARG C 140 -24.86 6.89 19.48
CA ARG C 140 -25.94 7.26 18.57
C ARG C 140 -27.00 8.06 19.33
N ALA C 141 -27.12 7.81 20.64
CA ALA C 141 -28.05 8.53 21.49
C ALA C 141 -27.62 9.98 21.61
N PHE C 142 -26.32 10.18 21.75
CA PHE C 142 -25.79 11.53 21.80
C PHE C 142 -26.04 12.22 20.45
N ALA C 143 -25.74 11.51 19.37
CA ALA C 143 -25.82 12.03 18.00
C ALA C 143 -27.22 12.47 17.54
N GLU C 144 -28.24 11.64 17.81
CA GLU C 144 -29.61 11.95 17.39
C GLU C 144 -30.19 13.09 18.23
N LYS C 145 -30.01 13.00 19.55
CA LYS C 145 -30.48 14.03 20.48
C LYS C 145 -29.86 15.42 20.23
N ASN C 146 -28.74 15.47 19.50
CA ASN C 146 -28.04 16.74 19.24
C ASN C 146 -27.96 17.12 17.76
N GLY C 147 -28.68 16.39 16.90
CA GLY C 147 -28.75 16.71 15.48
C GLY C 147 -27.46 16.43 14.69
N LEU C 148 -26.98 15.19 14.73
CA LEU C 148 -25.72 14.83 14.07
C LEU C 148 -25.81 13.51 13.28
N SER C 149 -25.19 13.49 12.10
CA SER C 149 -24.98 12.23 11.40
C SER C 149 -24.04 11.42 12.29
N PHE C 150 -24.22 10.10 12.31
CA PHE C 150 -23.34 9.25 13.08
C PHE C 150 -22.84 8.09 12.24
N ILE C 151 -21.56 7.77 12.39
CA ILE C 151 -21.01 6.60 11.73
C ILE C 151 -19.78 6.15 12.52
N GLU C 152 -19.52 4.85 12.56
CA GLU C 152 -18.29 4.36 13.18
C GLU C 152 -17.36 3.94 12.06
N THR C 153 -16.12 4.38 12.16
CA THR C 153 -15.13 4.12 11.14
C THR C 153 -13.91 3.41 11.68
N SER C 154 -13.11 2.88 10.76
CA SER C 154 -11.74 2.47 11.01
C SER C 154 -10.82 2.95 9.88
N ALA C 155 -9.99 3.95 10.14
CA ALA C 155 -8.97 4.34 9.18
C ALA C 155 -7.96 3.21 8.95
N LEU C 156 -7.68 2.44 10.01
CA LEU C 156 -6.71 1.35 9.91
C LEU C 156 -7.13 0.33 8.88
N ASP C 157 -8.35 -0.18 9.00
CA ASP C 157 -8.76 -1.27 8.13
C ASP C 157 -9.67 -0.75 7.00
N SER C 158 -9.86 0.57 6.99
CA SER C 158 -10.60 1.25 5.93
C SER C 158 -12.11 1.25 6.12
N THR C 159 -12.66 0.53 7.09
CA THR C 159 -14.12 0.43 7.14
C THR C 159 -14.78 1.79 7.26
N ASN C 160 -15.68 2.04 6.33
CA ASN C 160 -16.59 3.18 6.37
C ASN C 160 -15.92 4.53 6.14
N VAL C 161 -14.62 4.53 5.85
CA VAL C 161 -13.92 5.79 5.60
C VAL C 161 -14.45 6.44 4.32
N GLU C 162 -14.46 5.69 3.19
CA GLU C 162 -15.07 6.15 1.94
C GLU C 162 -16.50 6.59 2.17
N ALA C 163 -17.23 5.80 2.92
CA ALA C 163 -18.65 6.04 3.14
C ALA C 163 -18.83 7.30 3.94
N ALA C 164 -18.02 7.45 4.99
CA ALA C 164 -18.08 8.62 5.85
C ALA C 164 -18.06 9.92 5.04
N PHE C 165 -17.01 10.10 4.23
CA PHE C 165 -16.85 11.28 3.37
C PHE C 165 -17.91 11.35 2.25
N GLN C 166 -18.24 10.23 1.62
CA GLN C 166 -19.27 10.23 0.58
C GLN C 166 -20.60 10.68 1.20
N THR C 167 -20.89 10.21 2.42
CA THR C 167 -22.18 10.49 3.06
C THR C 167 -22.32 11.94 3.42
N ILE C 168 -21.27 12.55 3.98
CA ILE C 168 -21.38 13.92 4.44
C ILE C 168 -21.35 14.90 3.27
N LEU C 169 -20.59 14.56 2.22
CA LEU C 169 -20.48 15.40 1.03
C LEU C 169 -21.67 15.21 0.09
N THR C 170 -22.38 14.09 0.23
CA THR C 170 -23.65 13.90 -0.47
C THR C 170 -24.71 14.80 0.15
N GLU C 171 -24.67 14.93 1.48
CA GLU C 171 -25.68 15.73 2.18
C GLU C 171 -25.45 17.21 1.94
N ILE C 172 -24.19 17.64 1.93
CA ILE C 172 -23.87 19.04 1.65
C ILE C 172 -24.33 19.46 0.24
N TYR C 173 -24.27 18.52 -0.69
CA TYR C 173 -24.70 18.75 -2.07
C TYR C 173 -26.23 18.83 -2.15
N ARG C 174 -26.91 17.91 -1.49
CA ARG C 174 -28.37 17.91 -1.46
C ARG C 174 -28.90 19.27 -1.02
N ILE C 175 -28.17 19.92 -0.12
CA ILE C 175 -28.60 21.20 0.43
C ILE C 175 -28.16 22.39 -0.42
N VAL C 176 -26.87 22.49 -0.68
CA VAL C 176 -26.29 23.66 -1.33
C VAL C 176 -26.69 23.83 -2.80
N SER C 177 -27.63 23.02 -3.28
CA SER C 177 -28.12 23.16 -4.65
C SER C 177 -29.64 23.11 -4.70
N ASN D 24 53.53 -5.94 -57.98
CA ASN D 24 52.54 -6.40 -58.93
C ASN D 24 51.36 -7.12 -58.25
N LEU D 25 50.55 -7.81 -59.04
CA LEU D 25 49.43 -8.59 -58.53
C LEU D 25 49.40 -9.95 -59.26
N TYR D 26 49.02 -11.00 -58.55
CA TYR D 26 49.04 -12.36 -59.11
C TYR D 26 47.86 -12.62 -60.06
N PHE D 27 47.53 -13.88 -60.32
CA PHE D 27 46.42 -14.20 -61.21
C PHE D 27 46.20 -15.70 -61.26
N GLN D 28 45.00 -16.10 -61.67
CA GLN D 28 44.62 -17.51 -61.78
C GLN D 28 43.71 -17.69 -62.98
N GLY D 29 43.20 -18.90 -63.18
CA GLY D 29 42.32 -19.18 -64.31
C GLY D 29 41.09 -19.97 -63.87
N SER D 33 41.33 -16.00 -67.23
CA SER D 33 42.49 -15.79 -66.37
C SER D 33 42.46 -14.40 -65.72
N MET D 34 42.03 -14.35 -64.46
CA MET D 34 41.73 -13.08 -63.80
C MET D 34 42.73 -12.68 -62.70
N GLN D 35 42.81 -11.38 -62.43
CA GLN D 35 43.70 -10.85 -61.39
C GLN D 35 43.17 -11.16 -59.99
N VAL D 36 44.08 -11.49 -59.08
CA VAL D 36 43.69 -11.98 -57.76
C VAL D 36 43.17 -10.83 -56.87
N THR D 37 42.10 -11.10 -56.12
CA THR D 37 41.42 -10.06 -55.34
C THR D 37 40.90 -10.57 -54.00
N VAL D 38 41.12 -9.79 -52.94
CA VAL D 38 40.57 -10.11 -51.61
C VAL D 38 39.10 -9.76 -51.57
N GLN D 39 38.24 -10.76 -51.49
CA GLN D 39 36.81 -10.52 -51.38
C GLN D 39 36.37 -10.53 -49.92
N ARG D 40 35.15 -10.05 -49.68
CA ARG D 40 34.61 -9.98 -48.32
C ARG D 40 33.56 -11.07 -48.05
N LYS D 41 33.69 -11.74 -46.90
CA LYS D 41 32.64 -12.62 -46.43
C LYS D 41 31.28 -11.90 -46.27
N GLU D 42 30.22 -12.60 -46.67
CA GLU D 42 28.84 -12.08 -46.63
C GLU D 42 28.17 -12.47 -45.29
N LYS D 43 27.64 -11.50 -44.55
CA LYS D 43 27.09 -11.77 -43.20
C LYS D 43 25.77 -11.09 -42.90
N ASP D 44 25.00 -11.67 -41.99
CA ASP D 44 23.83 -11.00 -41.45
C ASP D 44 24.26 -9.68 -40.79
N PHE D 45 23.36 -8.71 -40.82
CA PHE D 45 23.58 -7.45 -40.12
C PHE D 45 24.02 -7.71 -38.67
N GLN D 46 25.21 -7.21 -38.35
CA GLN D 46 25.87 -7.40 -37.06
C GLN D 46 25.57 -6.32 -36.01
N GLY D 47 25.02 -5.19 -36.43
CA GLY D 47 24.68 -4.12 -35.49
C GLY D 47 25.75 -3.05 -35.44
N MET D 48 26.42 -2.86 -36.57
CA MET D 48 27.41 -1.79 -36.68
C MET D 48 27.04 -0.82 -37.78
N LEU D 49 27.62 0.38 -37.75
CA LEU D 49 27.39 1.34 -38.81
C LEU D 49 28.72 1.90 -39.30
N GLU D 50 28.93 1.87 -40.61
CA GLU D 50 30.19 2.36 -41.16
C GLU D 50 30.01 3.62 -41.96
N TYR D 51 31.03 4.46 -41.97
CA TYR D 51 31.00 5.63 -42.82
C TYR D 51 32.41 5.92 -43.28
N HIS D 52 32.56 6.77 -44.29
CA HIS D 52 33.88 7.15 -44.76
C HIS D 52 34.30 8.41 -44.04
N LYS D 53 35.58 8.47 -43.66
CA LYS D 53 36.13 9.60 -42.91
C LYS D 53 35.72 10.94 -43.52
N GLU D 54 35.55 10.98 -44.83
CA GLU D 54 35.26 12.23 -45.54
C GLU D 54 33.83 12.70 -45.27
N ASP D 55 32.97 11.77 -44.87
CA ASP D 55 31.57 12.08 -44.56
C ASP D 55 31.40 12.37 -43.07
N GLU D 56 32.50 12.43 -42.33
CA GLU D 56 32.38 12.45 -40.89
C GLU D 56 31.65 13.71 -40.43
N ALA D 57 31.82 14.82 -41.14
CA ALA D 57 31.24 16.11 -40.68
C ALA D 57 29.77 16.16 -41.02
N LEU D 58 29.37 15.50 -42.10
CA LEU D 58 27.95 15.40 -42.43
C LEU D 58 27.22 14.57 -41.37
N LEU D 59 27.90 13.52 -40.89
CA LEU D 59 27.35 12.67 -39.85
C LEU D 59 27.05 13.52 -38.62
N ILE D 60 28.06 14.24 -38.14
CA ILE D 60 27.91 15.07 -36.95
C ILE D 60 26.84 16.13 -37.18
N ARG D 61 26.85 16.74 -38.37
CA ARG D 61 25.84 17.72 -38.75
C ARG D 61 24.40 17.17 -38.63
N ASN D 62 24.13 16.03 -39.25
CA ASN D 62 22.77 15.52 -39.37
C ASN D 62 22.28 14.73 -38.16
N LEU D 63 23.22 14.16 -37.41
CA LEU D 63 22.90 13.39 -36.21
C LEU D 63 22.99 14.21 -34.90
N VAL D 64 23.66 15.36 -34.96
CA VAL D 64 23.87 16.16 -33.76
C VAL D 64 23.50 17.64 -33.94
N THR D 65 24.25 18.33 -34.81
CA THR D 65 24.16 19.78 -34.93
C THR D 65 22.80 20.29 -35.38
N ASP D 66 22.24 19.61 -36.38
CA ASP D 66 21.00 20.02 -37.04
C ASP D 66 19.82 19.17 -36.60
N LEU D 67 20.05 18.27 -35.65
CA LEU D 67 19.02 17.35 -35.21
C LEU D 67 18.06 18.04 -34.28
N LYS D 68 16.79 18.04 -34.64
CA LYS D 68 15.77 18.64 -33.78
C LYS D 68 15.01 17.54 -33.03
N PRO D 69 14.88 17.68 -31.70
CA PRO D 69 14.25 16.62 -30.92
C PRO D 69 12.94 16.13 -31.53
N GLN D 70 12.14 17.04 -32.06
CA GLN D 70 10.82 16.70 -32.56
C GLN D 70 10.86 15.80 -33.79
N MET D 71 11.99 15.79 -34.49
CA MET D 71 12.13 14.95 -35.69
C MET D 71 12.04 13.45 -35.34
N LEU D 72 12.32 13.13 -34.07
CA LEU D 72 12.37 11.73 -33.62
C LEU D 72 11.16 11.32 -32.79
N SER D 73 10.12 12.14 -32.78
CA SER D 73 8.87 11.75 -32.16
C SER D 73 8.38 10.45 -32.80
N GLY D 74 8.03 9.48 -31.96
CA GLY D 74 7.51 8.21 -32.46
C GLY D 74 8.52 7.07 -32.55
N THR D 75 9.76 7.35 -32.17
CA THR D 75 10.80 6.31 -32.11
C THR D 75 11.13 6.04 -30.64
N VAL D 76 11.92 4.99 -30.39
CA VAL D 76 12.38 4.71 -29.04
C VAL D 76 13.34 5.83 -28.65
N PRO D 77 13.34 6.21 -27.37
CA PRO D 77 14.26 7.29 -26.92
C PRO D 77 15.74 6.94 -27.15
N CYS D 78 16.53 7.98 -27.38
CA CYS D 78 17.98 7.92 -27.45
C CYS D 78 18.54 7.15 -28.64
N LEU D 79 17.81 7.19 -29.76
CA LEU D 79 18.27 6.50 -30.97
C LEU D 79 19.61 7.07 -31.42
N PRO D 80 19.80 8.41 -31.29
CA PRO D 80 21.09 9.00 -31.64
C PRO D 80 22.26 8.40 -30.87
N ALA D 81 22.06 8.14 -29.57
CA ALA D 81 23.12 7.58 -28.75
C ALA D 81 23.41 6.14 -29.20
N TYR D 82 22.35 5.38 -29.48
CA TYR D 82 22.50 4.02 -29.92
C TYR D 82 23.24 4.01 -31.26
N ILE D 83 22.84 4.90 -32.16
CA ILE D 83 23.45 5.02 -33.46
C ILE D 83 24.93 5.39 -33.34
N LEU D 84 25.25 6.28 -32.40
CA LEU D 84 26.65 6.65 -32.15
C LEU D 84 27.46 5.46 -31.63
N TYR D 85 26.89 4.72 -30.67
CA TYR D 85 27.61 3.58 -30.15
C TYR D 85 27.86 2.57 -31.30
N MET D 86 26.90 2.45 -32.21
CA MET D 86 27.02 1.52 -33.32
C MET D 86 28.16 1.94 -34.29
N CYS D 87 28.39 3.25 -34.44
CA CYS D 87 29.47 3.75 -35.30
C CYS D 87 30.83 3.54 -34.64
N ILE D 88 30.89 3.89 -33.36
CA ILE D 88 32.07 3.60 -32.53
C ILE D 88 32.47 2.11 -32.66
N ARG D 89 31.47 1.23 -32.61
CA ARG D 89 31.67 -0.21 -32.72
C ARG D 89 32.41 -0.63 -33.97
N HIS D 90 32.02 -0.03 -35.10
CA HIS D 90 32.58 -0.36 -36.37
C HIS D 90 34.02 0.12 -36.45
N ALA D 91 34.33 1.20 -35.73
CA ALA D 91 35.67 1.77 -35.72
C ALA D 91 36.57 0.95 -34.81
N ASP D 92 36.01 0.47 -33.70
CA ASP D 92 36.72 -0.47 -32.85
C ASP D 92 36.98 -1.75 -33.67
N TYR D 93 36.02 -2.10 -34.50
CA TYR D 93 36.03 -3.36 -35.21
C TYR D 93 37.13 -3.36 -36.29
N THR D 94 37.31 -2.23 -36.95
CA THR D 94 38.29 -2.11 -38.03
C THR D 94 39.62 -1.65 -37.46
N ASN D 95 39.68 -1.53 -36.13
CA ASN D 95 40.94 -1.20 -35.47
C ASN D 95 41.37 0.24 -35.73
N ASP D 96 40.40 1.12 -36.03
CA ASP D 96 40.67 2.49 -36.44
C ASP D 96 40.56 3.46 -35.26
N ASP D 97 41.62 3.52 -34.47
CA ASP D 97 41.61 4.31 -33.25
C ASP D 97 41.53 5.80 -33.54
N LEU D 98 42.08 6.23 -34.66
CA LEU D 98 41.97 7.62 -35.06
C LEU D 98 40.51 7.94 -35.32
N LYS D 99 39.78 7.00 -35.91
CA LYS D 99 38.35 7.20 -36.15
C LYS D 99 37.59 7.29 -34.82
N VAL D 100 37.98 6.48 -33.84
CA VAL D 100 37.28 6.39 -32.58
C VAL D 100 37.47 7.74 -31.90
N HIS D 101 38.71 8.23 -31.93
CA HIS D 101 39.02 9.52 -31.37
C HIS D 101 38.28 10.63 -32.09
N SER D 102 38.42 10.68 -33.41
CA SER D 102 37.82 11.72 -34.22
C SER D 102 36.30 11.79 -34.01
N LEU D 103 35.65 10.62 -34.05
CA LEU D 103 34.20 10.53 -33.90
C LEU D 103 33.71 11.01 -32.52
N LEU D 104 34.38 10.60 -31.47
CA LEU D 104 33.89 10.88 -30.13
C LEU D 104 34.13 12.36 -29.79
N THR D 105 35.28 12.88 -30.23
CA THR D 105 35.67 14.26 -29.98
C THR D 105 34.75 15.19 -30.77
N SER D 106 34.47 14.82 -32.02
CA SER D 106 33.56 15.57 -32.87
C SER D 106 32.16 15.59 -32.27
N THR D 107 31.73 14.46 -31.71
CA THR D 107 30.40 14.36 -31.12
C THR D 107 30.30 15.27 -29.90
N ILE D 108 31.29 15.20 -29.02
CA ILE D 108 31.28 15.99 -27.80
C ILE D 108 31.26 17.48 -28.15
N ASN D 109 32.10 17.85 -29.10
CA ASN D 109 32.16 19.21 -29.64
C ASN D 109 30.84 19.68 -30.20
N GLY D 110 30.22 18.84 -31.01
CA GLY D 110 28.94 19.16 -31.60
C GLY D 110 27.89 19.39 -30.52
N ILE D 111 27.87 18.52 -29.53
CA ILE D 111 26.88 18.57 -28.47
C ILE D 111 26.99 19.88 -27.71
N LYS D 112 28.23 20.27 -27.41
CA LYS D 112 28.51 21.52 -26.71
C LYS D 112 28.14 22.70 -27.59
N LYS D 113 28.43 22.61 -28.90
CA LYS D 113 28.06 23.71 -29.81
C LYS D 113 26.55 23.86 -29.78
N VAL D 114 25.83 22.74 -29.89
CA VAL D 114 24.37 22.79 -29.83
C VAL D 114 23.91 23.45 -28.53
N LEU D 115 24.39 22.94 -27.38
CA LEU D 115 23.91 23.40 -26.08
C LEU D 115 24.23 24.86 -25.81
N LYS D 116 25.31 25.35 -26.41
CA LYS D 116 25.67 26.74 -26.27
C LYS D 116 24.71 27.63 -27.10
N LYS D 117 24.39 27.21 -28.32
CA LYS D 117 23.45 27.95 -29.18
C LYS D 117 22.03 27.94 -28.60
N HIS D 118 21.66 26.85 -27.93
CA HIS D 118 20.33 26.71 -27.32
C HIS D 118 20.43 26.78 -25.81
N ASN D 119 21.16 27.76 -25.28
CA ASN D 119 21.50 27.69 -23.89
C ASN D 119 20.30 28.01 -22.97
N ASP D 120 19.18 28.42 -23.56
CA ASP D 120 17.96 28.66 -22.77
C ASP D 120 16.77 27.72 -23.11
N ASP D 121 17.06 26.63 -23.81
CA ASP D 121 16.05 25.73 -24.39
C ASP D 121 16.03 24.47 -23.57
N PHE D 122 14.97 24.34 -22.77
CA PHE D 122 14.83 23.23 -21.87
C PHE D 122 14.75 21.90 -22.63
N GLU D 123 13.96 21.89 -23.69
CA GLU D 123 13.74 20.66 -24.41
C GLU D 123 15.07 20.14 -25.01
N MET D 124 15.80 21.02 -25.71
CA MET D 124 17.06 20.64 -26.34
C MET D 124 18.10 20.19 -25.31
N THR D 125 18.18 20.88 -24.19
CA THR D 125 19.13 20.56 -23.14
C THR D 125 18.82 19.20 -22.56
N SER D 126 17.55 18.98 -22.28
CA SER D 126 17.11 17.68 -21.77
C SER D 126 17.36 16.59 -22.84
N PHE D 127 17.16 16.93 -24.11
CA PHE D 127 17.34 15.93 -25.16
C PHE D 127 18.81 15.47 -25.16
N TRP D 128 19.73 16.42 -25.07
CA TRP D 128 21.14 16.04 -25.10
C TRP D 128 21.62 15.45 -23.79
N LEU D 129 20.95 15.73 -22.68
CA LEU D 129 21.33 15.07 -21.44
C LEU D 129 20.95 13.61 -21.55
N SER D 130 19.73 13.37 -22.02
CA SER D 130 19.23 12.01 -22.15
C SER D 130 20.16 11.18 -23.09
N ASN D 131 20.55 11.79 -24.20
CA ASN D 131 21.36 11.06 -25.18
C ASN D 131 22.81 10.87 -24.80
N THR D 132 23.39 11.88 -24.16
CA THR D 132 24.71 11.77 -23.55
C THR D 132 24.74 10.68 -22.49
N CYS D 133 23.77 10.67 -21.58
CA CYS D 133 23.68 9.59 -20.60
C CYS D 133 23.61 8.20 -21.24
N ARG D 134 22.79 8.06 -22.27
CA ARG D 134 22.58 6.74 -22.89
C ARG D 134 23.87 6.33 -23.64
N LEU D 135 24.52 7.31 -24.27
CA LEU D 135 25.77 7.04 -24.95
C LEU D 135 26.76 6.47 -23.95
N LEU D 136 26.74 7.03 -22.75
CA LEU D 136 27.64 6.57 -21.70
C LEU D 136 27.20 5.20 -21.17
N HIS D 137 25.90 4.97 -21.03
CA HIS D 137 25.41 3.66 -20.66
C HIS D 137 25.94 2.63 -21.69
N CYS D 138 25.92 2.98 -22.97
CA CYS D 138 26.34 2.03 -24.02
C CYS D 138 27.83 1.73 -23.91
N LEU D 139 28.63 2.76 -23.62
CA LEU D 139 30.08 2.59 -23.51
C LEU D 139 30.41 1.73 -22.31
N LYS D 140 29.60 1.81 -21.26
CA LYS D 140 29.72 0.91 -20.13
C LYS D 140 29.22 -0.51 -20.42
N GLN D 141 27.97 -0.57 -20.90
CA GLN D 141 27.27 -1.83 -21.07
C GLN D 141 28.05 -2.69 -22.04
N TYR D 142 28.61 -2.04 -23.06
CA TYR D 142 29.40 -2.71 -24.08
C TYR D 142 30.90 -2.44 -23.91
N SER D 143 31.31 -2.10 -22.69
CA SER D 143 32.73 -1.84 -22.45
C SER D 143 33.60 -3.08 -22.71
N GLY D 144 33.15 -4.24 -22.23
CA GLY D 144 34.00 -5.43 -22.18
C GLY D 144 34.41 -5.72 -20.75
N ASP D 145 34.27 -4.71 -19.89
CA ASP D 145 34.52 -4.82 -18.44
CA ASP D 145 34.53 -4.84 -18.45
C ASP D 145 33.41 -5.65 -17.80
N GLU D 146 33.76 -6.80 -17.25
CA GLU D 146 32.80 -7.71 -16.62
C GLU D 146 31.85 -7.00 -15.66
N GLY D 147 32.36 -5.98 -14.97
CA GLY D 147 31.55 -5.31 -13.96
C GLY D 147 30.34 -4.54 -14.47
N PHE D 148 30.36 -4.15 -15.74
CA PHE D 148 29.28 -3.35 -16.32
C PHE D 148 28.30 -4.26 -17.10
N MET D 149 28.62 -5.53 -17.22
CA MET D 149 27.95 -6.43 -18.16
C MET D 149 27.13 -7.54 -17.50
N THR D 150 26.98 -7.48 -16.18
CA THR D 150 26.31 -8.56 -15.46
C THR D 150 24.86 -8.74 -15.89
N GLN D 151 24.26 -7.74 -16.54
CA GLN D 151 22.87 -7.85 -16.99
C GLN D 151 22.70 -8.04 -18.51
N ASN D 152 23.78 -8.22 -19.24
CA ASN D 152 23.70 -8.42 -20.67
C ASN D 152 23.21 -9.83 -21.01
N THR D 153 22.51 -9.98 -22.13
CA THR D 153 22.28 -11.33 -22.68
C THR D 153 23.54 -11.73 -23.42
N ALA D 154 23.62 -13.00 -23.81
CA ALA D 154 24.72 -13.51 -24.63
C ALA D 154 24.81 -12.77 -25.96
N LYS D 155 23.69 -12.52 -26.65
CA LYS D 155 23.75 -11.68 -27.86
C LYS D 155 24.35 -10.28 -27.59
N GLN D 156 23.96 -9.62 -26.51
CA GLN D 156 24.49 -8.28 -26.24
C GLN D 156 26.02 -8.33 -26.01
N ASN D 157 26.48 -9.37 -25.32
CA ASN D 157 27.90 -9.55 -25.07
C ASN D 157 28.70 -9.61 -26.35
N GLU D 158 28.15 -10.20 -27.39
CA GLU D 158 28.90 -10.26 -28.62
C GLU D 158 28.94 -8.89 -29.30
N HIS D 159 28.25 -7.88 -28.75
CA HIS D 159 28.35 -6.55 -29.33
C HIS D 159 29.32 -5.64 -28.59
N CYS D 160 30.07 -6.22 -27.66
CA CYS D 160 31.05 -5.44 -26.90
C CYS D 160 32.20 -4.94 -27.77
N LEU D 161 32.81 -3.83 -27.33
CA LEU D 161 34.08 -3.42 -27.91
C LEU D 161 35.13 -4.52 -27.67
N LYS D 162 35.95 -4.80 -28.68
CA LYS D 162 36.93 -5.89 -28.59
C LYS D 162 38.36 -5.36 -28.49
N ASN D 163 38.66 -4.29 -29.21
CA ASN D 163 40.02 -3.75 -29.29
C ASN D 163 40.38 -2.57 -28.34
N PHE D 164 39.47 -1.61 -28.18
CA PHE D 164 39.79 -0.36 -27.47
C PHE D 164 39.14 -0.23 -26.10
N ASP D 165 39.92 0.29 -25.15
CA ASP D 165 39.44 0.67 -23.82
C ASP D 165 39.19 2.18 -23.81
N LEU D 166 37.92 2.56 -23.72
CA LEU D 166 37.53 3.94 -23.87
C LEU D 166 37.21 4.59 -22.52
N THR D 167 37.89 4.14 -21.45
CA THR D 167 37.67 4.66 -20.12
C THR D 167 37.77 6.19 -20.08
N GLU D 168 38.69 6.75 -20.84
CA GLU D 168 38.95 8.19 -20.73
C GLU D 168 37.88 8.96 -21.47
N TYR D 169 37.28 8.35 -22.48
CA TYR D 169 36.14 8.97 -23.14
C TYR D 169 34.93 8.92 -22.23
N ARG D 170 34.80 7.87 -21.43
CA ARG D 170 33.68 7.78 -20.50
C ARG D 170 33.76 8.88 -19.44
N GLN D 171 34.98 9.17 -18.99
CA GLN D 171 35.14 10.20 -17.97
C GLN D 171 34.73 11.56 -18.56
N VAL D 172 35.16 11.86 -19.78
CA VAL D 172 34.75 13.09 -20.47
C VAL D 172 33.22 13.20 -20.65
N LEU D 173 32.55 12.10 -20.98
CA LEU D 173 31.10 12.14 -21.17
C LEU D 173 30.43 12.34 -19.83
N SER D 174 31.05 11.78 -18.80
CA SER D 174 30.55 11.95 -17.44
C SER D 174 30.65 13.47 -17.07
N ASP D 175 31.81 14.06 -17.30
CA ASP D 175 32.01 15.51 -17.12
C ASP D 175 30.91 16.27 -17.85
N LEU D 176 30.73 15.98 -19.13
CA LEU D 176 29.77 16.69 -19.95
C LEU D 176 28.36 16.57 -19.41
N SER D 177 28.03 15.42 -18.84
CA SER D 177 26.65 15.21 -18.42
C SER D 177 26.33 16.07 -17.18
N ILE D 178 27.33 16.35 -16.37
CA ILE D 178 27.21 17.29 -15.26
C ILE D 178 26.97 18.70 -15.81
N GLN D 179 27.79 19.14 -16.78
CA GLN D 179 27.56 20.45 -17.41
C GLN D 179 26.16 20.57 -17.99
N ILE D 180 25.69 19.53 -18.67
CA ILE D 180 24.37 19.61 -19.29
C ILE D 180 23.29 19.69 -18.22
N TYR D 181 23.39 18.84 -17.20
CA TYR D 181 22.45 18.87 -16.10
C TYR D 181 22.45 20.27 -15.43
N GLN D 182 23.61 20.86 -15.24
CA GLN D 182 23.64 22.15 -14.55
C GLN D 182 22.93 23.17 -15.45
N GLN D 183 23.10 23.03 -16.76
CA GLN D 183 22.40 23.94 -17.68
C GLN D 183 20.89 23.70 -17.61
N LEU D 184 20.47 22.43 -17.48
CA LEU D 184 19.05 22.12 -17.40
C LEU D 184 18.43 22.79 -16.15
N ILE D 185 19.07 22.61 -14.99
CA ILE D 185 18.62 23.27 -13.73
C ILE D 185 18.60 24.80 -13.90
N LYS D 186 19.67 25.34 -14.46
CA LYS D 186 19.72 26.77 -14.72
C LYS D 186 18.49 27.23 -15.47
N ILE D 187 18.11 26.49 -16.51
CA ILE D 187 16.99 26.94 -17.33
C ILE D 187 15.68 26.83 -16.56
N ALA D 188 15.48 25.70 -15.90
CA ALA D 188 14.24 25.47 -15.20
C ALA D 188 14.07 26.54 -14.09
N GLU D 189 15.09 26.77 -13.29
CA GLU D 189 15.03 27.77 -12.23
C GLU D 189 14.78 29.15 -12.81
N GLY D 190 15.39 29.46 -13.95
CA GLY D 190 15.21 30.76 -14.56
C GLY D 190 13.75 30.95 -14.92
N VAL D 191 13.07 29.88 -15.33
CA VAL D 191 11.68 30.00 -15.69
C VAL D 191 10.80 30.12 -14.44
N LEU D 192 11.07 29.32 -13.43
CA LEU D 192 10.24 29.31 -12.21
C LEU D 192 10.48 30.50 -11.27
N GLN D 193 11.63 31.15 -11.40
CA GLN D 193 12.08 32.14 -10.45
C GLN D 193 11.01 33.21 -10.22
N PRO D 194 10.62 33.90 -11.30
CA PRO D 194 9.70 35.05 -11.14
C PRO D 194 8.27 34.66 -10.75
N MET D 195 8.00 33.37 -10.62
CA MET D 195 6.67 32.89 -10.28
C MET D 195 6.53 32.58 -8.78
N ILE D 196 7.62 32.16 -8.14
CA ILE D 196 7.52 31.58 -6.79
C ILE D 196 6.86 32.49 -5.72
N VAL D 197 7.38 33.70 -5.52
CA VAL D 197 6.91 34.51 -4.39
C VAL D 197 5.41 34.77 -4.49
N SER D 198 4.97 35.31 -5.61
CA SER D 198 3.54 35.61 -5.80
C SER D 198 2.64 34.36 -5.72
N ALA D 199 3.10 33.23 -6.25
CA ALA D 199 2.33 32.00 -6.19
C ALA D 199 2.21 31.44 -4.78
N MET D 200 3.28 31.51 -3.99
CA MET D 200 3.36 30.81 -2.72
C MET D 200 2.90 31.69 -1.53
N LEU D 201 3.05 33.00 -1.65
CA LEU D 201 2.69 33.92 -0.57
C LEU D 201 1.55 34.86 -0.96
N GLU D 202 1.75 35.63 -2.04
CA GLU D 202 0.83 36.70 -2.42
C GLU D 202 -0.38 36.21 -3.22
N ASN D 203 -1.04 35.15 -2.74
CA ASN D 203 -2.20 34.63 -3.43
C ASN D 203 -3.07 33.76 -2.51
N GLU D 204 -4.30 34.23 -2.28
CA GLU D 204 -5.26 33.55 -1.41
C GLU D 204 -6.16 32.61 -2.20
N SER D 205 -6.14 31.33 -1.83
CA SER D 205 -6.88 30.29 -2.54
C SER D 205 -7.87 29.56 -1.62
N ILE D 206 -7.55 29.55 -0.32
CA ILE D 206 -8.37 28.92 0.71
C ILE D 206 -9.43 29.93 1.19
N GLN D 207 -10.68 29.48 1.31
CA GLN D 207 -11.77 30.36 1.78
C GLN D 207 -11.72 30.58 3.30
N GLY D 208 -11.71 31.85 3.72
CA GLY D 208 -11.82 32.20 5.12
C GLY D 208 -10.51 32.45 5.87
N LEU D 209 -9.41 32.57 5.14
CA LEU D 209 -8.11 32.78 5.79
C LEU D 209 -7.83 34.27 5.91
N ASN D 229 2.58 39.43 -14.40
CA ASN D 229 3.00 40.14 -13.19
C ASN D 229 2.78 39.29 -11.93
N SER D 230 1.52 38.98 -11.63
CA SER D 230 1.18 38.11 -10.50
C SER D 230 0.86 36.69 -11.01
N TYR D 231 1.31 35.70 -10.25
CA TYR D 231 1.20 34.29 -10.65
C TYR D 231 0.48 33.50 -9.58
N CYS D 232 -0.19 32.42 -9.98
CA CYS D 232 -0.84 31.52 -9.03
C CYS D 232 -0.10 30.17 -8.95
N LEU D 233 -0.51 29.35 -8.00
CA LEU D 233 0.17 28.09 -7.76
C LEU D 233 -0.03 27.16 -8.98
N GLU D 234 -1.18 27.28 -9.63
CA GLU D 234 -1.50 26.44 -10.80
C GLU D 234 -0.56 26.76 -11.95
N ALA D 235 -0.07 27.99 -12.01
CA ALA D 235 0.87 28.35 -13.06
C ALA D 235 2.22 27.66 -12.84
N ILE D 236 2.62 27.49 -11.59
CA ILE D 236 3.88 26.81 -11.31
C ILE D 236 3.76 25.32 -11.57
N ILE D 237 2.63 24.77 -11.17
CA ILE D 237 2.34 23.37 -11.40
C ILE D 237 2.30 23.07 -12.89
N ARG D 238 1.70 23.96 -13.69
CA ARG D 238 1.62 23.76 -15.15
C ARG D 238 3.01 23.72 -15.75
N GLN D 239 3.87 24.59 -15.25
CA GLN D 239 5.20 24.74 -15.80
C GLN D 239 6.02 23.49 -15.49
N MET D 240 5.76 22.94 -14.33
CA MET D 240 6.46 21.77 -13.87
C MET D 240 5.97 20.52 -14.57
N ASN D 241 4.67 20.47 -14.89
CA ASN D 241 4.12 19.42 -15.73
C ASN D 241 4.83 19.41 -17.06
N ALA D 242 5.10 20.57 -17.63
CA ALA D 242 5.71 20.64 -18.94
C ALA D 242 7.15 20.16 -18.89
N PHE D 243 7.88 20.54 -17.84
CA PHE D 243 9.26 20.08 -17.68
C PHE D 243 9.26 18.57 -17.54
N HIS D 244 8.36 18.04 -16.73
CA HIS D 244 8.31 16.62 -16.47
C HIS D 244 7.98 15.85 -17.77
N THR D 245 7.05 16.38 -18.54
CA THR D 245 6.56 15.67 -19.70
C THR D 245 7.69 15.61 -20.72
N VAL D 246 8.40 16.71 -20.87
CA VAL D 246 9.55 16.76 -21.76
C VAL D 246 10.61 15.74 -21.36
N MET D 247 10.91 15.62 -20.07
CA MET D 247 11.96 14.69 -19.68
C MET D 247 11.49 13.23 -19.85
N CYS D 248 10.22 12.96 -19.57
CA CYS D 248 9.66 11.65 -19.77
C CYS D 248 9.74 11.31 -21.27
N ASP D 249 9.21 12.17 -22.13
CA ASP D 249 9.14 11.88 -23.55
C ASP D 249 10.51 11.59 -24.13
N GLN D 250 11.57 12.15 -23.54
CA GLN D 250 12.90 11.94 -24.07
C GLN D 250 13.68 10.80 -23.41
N GLY D 251 13.05 10.09 -22.50
CA GLY D 251 13.73 8.96 -21.88
C GLY D 251 14.87 9.27 -20.97
N LEU D 252 14.86 10.46 -20.37
CA LEU D 252 15.91 10.81 -19.42
C LEU D 252 15.81 9.82 -18.26
N ASP D 253 16.93 9.35 -17.72
CA ASP D 253 16.85 8.40 -16.60
C ASP D 253 15.92 8.88 -15.46
N PRO D 254 15.13 7.99 -14.86
CA PRO D 254 14.19 8.47 -13.83
C PRO D 254 14.89 9.01 -12.58
N GLU D 255 16.07 8.51 -12.26
CA GLU D 255 16.81 8.96 -11.10
C GLU D 255 17.18 10.43 -11.32
N ILE D 256 17.38 10.84 -12.57
CA ILE D 256 17.77 12.21 -12.84
C ILE D 256 16.57 13.14 -12.77
N ILE D 257 15.44 12.67 -13.28
CA ILE D 257 14.18 13.39 -13.16
C ILE D 257 13.83 13.62 -11.66
N LEU D 258 14.02 12.61 -10.81
CA LEU D 258 13.77 12.75 -9.41
C LEU D 258 14.64 13.88 -8.83
N GLN D 259 15.91 13.93 -9.25
CA GLN D 259 16.89 14.86 -8.75
C GLN D 259 16.58 16.28 -9.19
N VAL D 260 16.06 16.42 -10.40
CA VAL D 260 15.69 17.70 -10.93
C VAL D 260 14.59 18.30 -10.01
N PHE D 261 13.59 17.50 -9.66
CA PHE D 261 12.46 18.00 -8.91
C PHE D 261 12.82 18.22 -7.42
N LYS D 262 13.72 17.42 -6.87
CA LYS D 262 14.27 17.73 -5.59
C LYS D 262 14.94 19.09 -5.61
N GLN D 263 15.76 19.34 -6.64
CA GLN D 263 16.47 20.61 -6.81
C GLN D 263 15.49 21.78 -6.95
N LEU D 264 14.46 21.63 -7.78
CA LEU D 264 13.53 22.75 -8.02
C LEU D 264 12.68 23.06 -6.78
N PHE D 265 12.26 22.03 -6.04
CA PHE D 265 11.52 22.24 -4.83
C PHE D 265 12.42 22.86 -3.74
N TYR D 266 13.70 22.53 -3.74
CA TYR D 266 14.60 23.15 -2.84
C TYR D 266 14.61 24.65 -3.11
N MET D 267 14.56 25.01 -4.38
CA MET D 267 14.55 26.40 -4.80
C MET D 267 13.29 27.12 -4.27
N ILE D 268 12.15 26.47 -4.43
CA ILE D 268 10.90 27.04 -4.01
C ILE D 268 10.95 27.26 -2.49
N ASN D 269 11.46 26.28 -1.76
CA ASN D 269 11.62 26.41 -0.33
C ASN D 269 12.43 27.67 0.02
N ALA D 270 13.60 27.84 -0.60
CA ALA D 270 14.52 28.91 -0.26
C ALA D 270 14.05 30.29 -0.69
N VAL D 271 13.54 30.39 -1.91
CA VAL D 271 13.11 31.69 -2.41
C VAL D 271 11.89 32.13 -1.57
N THR D 272 11.01 31.21 -1.23
CA THR D 272 9.80 31.59 -0.49
C THR D 272 10.15 31.97 0.95
N LEU D 273 10.99 31.18 1.62
CA LEU D 273 11.35 31.42 2.99
C LEU D 273 12.16 32.71 3.08
N ASN D 274 13.12 32.88 2.16
CA ASN D 274 13.87 34.13 2.11
C ASN D 274 12.96 35.35 2.05
N ASN D 275 11.95 35.26 1.19
CA ASN D 275 11.05 36.38 0.97
C ASN D 275 10.29 36.64 2.27
N LEU D 276 9.80 35.58 2.89
CA LEU D 276 9.12 35.72 4.17
C LEU D 276 10.04 36.39 5.21
N LEU D 277 11.34 36.09 5.17
CA LEU D 277 12.27 36.59 6.16
C LEU D 277 12.59 38.06 5.97
N LEU D 278 12.18 38.64 4.84
CA LEU D 278 12.50 40.02 4.55
C LEU D 278 11.27 40.93 4.57
N ARG D 279 10.14 40.41 5.03
CA ARG D 279 8.87 41.13 4.88
C ARG D 279 7.93 41.07 6.10
N LYS D 280 7.40 42.22 6.51
CA LYS D 280 6.38 42.21 7.57
C LYS D 280 4.99 41.93 6.99
N ASP D 281 4.71 42.45 5.80
CA ASP D 281 3.35 42.40 5.26
C ASP D 281 2.96 40.95 5.00
N VAL D 282 3.91 40.03 5.17
CA VAL D 282 3.68 38.64 4.85
C VAL D 282 3.61 37.73 6.11
N CYS D 283 4.08 38.20 7.26
CA CYS D 283 4.12 37.32 8.43
C CYS D 283 2.87 37.41 9.33
N SER D 284 1.88 36.57 9.06
CA SER D 284 0.65 36.47 9.87
C SER D 284 0.21 35.01 9.91
N TRP D 285 -0.71 34.63 10.80
CA TRP D 285 -1.20 33.24 10.83
C TRP D 285 -1.95 32.90 9.56
N SER D 286 -2.50 33.93 8.92
CA SER D 286 -3.28 33.71 7.70
C SER D 286 -2.35 33.25 6.57
N THR D 287 -1.20 33.90 6.44
CA THR D 287 -0.23 33.50 5.43
C THR D 287 0.23 32.08 5.77
N GLY D 288 0.43 31.81 7.05
CA GLY D 288 0.90 30.51 7.48
C GLY D 288 -0.01 29.39 6.96
N MET D 289 -1.32 29.60 7.04
CA MET D 289 -2.28 28.60 6.59
C MET D 289 -2.29 28.50 5.08
N GLN D 290 -2.24 29.65 4.40
CA GLN D 290 -2.27 29.65 2.94
C GLN D 290 -0.99 29.00 2.46
N LEU D 291 0.10 29.26 3.17
CA LEU D 291 1.37 28.72 2.77
C LEU D 291 1.34 27.21 2.94
N ARG D 292 0.86 26.74 4.08
CA ARG D 292 0.81 25.32 4.30
C ARG D 292 -0.05 24.65 3.22
N TYR D 293 -1.16 25.29 2.85
CA TYR D 293 -2.04 24.73 1.84
C TYR D 293 -1.32 24.62 0.50
N ASN D 294 -0.56 25.64 0.12
CA ASN D 294 0.12 25.62 -1.17
C ASN D 294 1.16 24.50 -1.22
N ILE D 295 1.90 24.31 -0.15
CA ILE D 295 2.89 23.27 -0.11
C ILE D 295 2.22 21.90 -0.23
N SER D 296 1.04 21.75 0.35
CA SER D 296 0.39 20.46 0.32
C SER D 296 -0.18 20.19 -1.10
N GLN D 297 -0.49 21.25 -1.85
CA GLN D 297 -0.80 21.11 -3.27
C GLN D 297 0.43 20.69 -4.08
N LEU D 298 1.60 21.23 -3.77
CA LEU D 298 2.80 20.82 -4.45
C LEU D 298 3.06 19.36 -4.14
N GLU D 299 2.78 18.95 -2.91
CA GLU D 299 3.08 17.59 -2.49
C GLU D 299 2.11 16.60 -3.14
N GLU D 300 0.88 17.04 -3.37
CA GLU D 300 -0.10 16.21 -4.01
C GLU D 300 0.31 16.06 -5.47
N TRP D 301 0.76 17.16 -6.06
CA TRP D 301 1.25 17.11 -7.41
C TRP D 301 2.40 16.10 -7.54
N LEU D 302 3.36 16.11 -6.64
CA LEU D 302 4.44 15.13 -6.69
C LEU D 302 3.91 13.69 -6.65
N ARG D 303 3.01 13.41 -5.71
CA ARG D 303 2.45 12.07 -5.59
C ARG D 303 1.85 11.63 -6.93
N GLY D 304 0.99 12.49 -7.48
CA GLY D 304 0.33 12.26 -8.75
C GLY D 304 1.27 11.94 -9.93
N ARG D 305 2.54 12.30 -9.86
CA ARG D 305 3.45 12.02 -10.96
C ARG D 305 4.52 11.06 -10.50
N ASN D 306 4.27 10.37 -9.40
CA ASN D 306 5.26 9.42 -8.88
C ASN D 306 6.61 10.07 -8.59
N LEU D 307 6.58 11.32 -8.13
CA LEU D 307 7.82 12.01 -7.80
C LEU D 307 8.03 12.15 -6.28
N HIS D 308 7.17 11.52 -5.49
CA HIS D 308 7.15 11.74 -4.06
C HIS D 308 8.38 11.23 -3.31
N GLN D 309 9.11 10.26 -3.89
CA GLN D 309 10.33 9.71 -3.26
C GLN D 309 11.59 10.41 -3.77
N SER D 310 11.40 11.54 -4.45
CA SER D 310 12.54 12.30 -4.92
C SER D 310 13.30 13.00 -3.78
N GLY D 311 12.67 13.26 -2.65
CA GLY D 311 13.33 14.09 -1.62
C GLY D 311 12.83 15.52 -1.68
N ALA D 312 11.88 15.78 -2.58
CA ALA D 312 11.46 17.14 -2.82
C ALA D 312 10.69 17.66 -1.56
N VAL D 313 9.83 16.82 -0.99
CA VAL D 313 9.06 17.13 0.18
C VAL D 313 9.98 17.56 1.30
N GLN D 314 11.06 16.82 1.50
CA GLN D 314 11.97 17.03 2.60
C GLN D 314 12.68 18.36 2.42
N THR D 315 12.83 18.84 1.18
CA THR D 315 13.60 20.09 1.06
C THR D 315 12.71 21.28 1.53
N MET D 316 11.41 21.07 1.67
CA MET D 316 10.50 22.12 2.13
C MET D 316 10.25 22.16 3.65
N GLU D 317 10.92 21.31 4.43
CA GLU D 317 10.73 21.31 5.86
C GLU D 317 10.93 22.72 6.50
N PRO D 318 11.96 23.49 6.07
CA PRO D 318 12.08 24.84 6.65
C PRO D 318 10.85 25.71 6.43
N LEU D 319 10.37 25.73 5.19
CA LEU D 319 9.20 26.53 4.86
C LEU D 319 7.93 26.02 5.54
N ILE D 320 7.81 24.72 5.67
CA ILE D 320 6.71 24.12 6.43
C ILE D 320 6.77 24.53 7.92
N GLN D 321 7.97 24.51 8.51
CA GLN D 321 8.11 24.88 9.89
C GLN D 321 7.78 26.38 10.07
N ALA D 322 8.13 27.20 9.09
CA ALA D 322 7.82 28.61 9.12
C ALA D 322 6.31 28.84 9.03
N ALA D 323 5.66 28.07 8.17
CA ALA D 323 4.20 28.15 8.04
C ALA D 323 3.54 27.80 9.37
N GLN D 324 4.14 26.83 10.07
CA GLN D 324 3.59 26.39 11.34
C GLN D 324 3.88 27.45 12.40
N LEU D 325 5.12 27.93 12.41
CA LEU D 325 5.54 28.93 13.40
C LEU D 325 4.58 30.10 13.33
N LEU D 326 4.22 30.50 12.11
CA LEU D 326 3.30 31.62 11.94
C LEU D 326 1.94 31.36 12.58
N GLN D 327 1.50 30.11 12.66
CA GLN D 327 0.17 29.80 13.20
C GLN D 327 0.18 29.56 14.71
N LEU D 328 1.34 29.24 15.26
CA LEU D 328 1.41 28.76 16.64
C LEU D 328 1.24 29.94 17.62
N LYS D 329 0.85 29.64 18.86
CA LYS D 329 0.67 30.68 19.88
C LYS D 329 2.06 31.18 20.23
N LYS D 330 2.14 32.43 20.66
CA LYS D 330 3.41 33.11 20.81
C LYS D 330 3.48 33.98 22.07
N LYS D 331 3.06 33.45 23.22
CA LYS D 331 3.01 34.26 24.46
C LYS D 331 3.68 33.69 25.68
N THR D 332 3.46 32.41 25.95
CA THR D 332 3.93 31.85 27.22
C THR D 332 5.26 31.10 27.07
N GLN D 333 5.87 30.80 28.21
CA GLN D 333 7.02 29.92 28.29
C GLN D 333 6.72 28.61 27.53
N GLU D 334 5.53 28.05 27.76
CA GLU D 334 5.12 26.83 27.10
C GLU D 334 5.04 27.03 25.59
N ASP D 335 4.50 28.17 25.14
CA ASP D 335 4.41 28.45 23.69
C ASP D 335 5.81 28.46 23.10
N ALA D 336 6.73 29.10 23.82
CA ALA D 336 8.12 29.23 23.39
C ALA D 336 8.77 27.86 23.29
N GLU D 337 8.57 27.03 24.28
CA GLU D 337 9.14 25.68 24.29
C GLU D 337 8.56 24.85 23.15
N ALA D 338 7.25 24.99 22.87
CA ALA D 338 6.67 24.27 21.70
C ALA D 338 7.35 24.75 20.41
N ILE D 339 7.50 26.06 20.27
CA ILE D 339 8.16 26.59 19.08
C ILE D 339 9.61 26.03 18.91
N CYS D 340 10.40 26.04 19.98
CA CYS D 340 11.76 25.55 19.87
C CYS D 340 11.83 24.06 19.51
N SER D 341 10.95 23.25 20.10
CA SER D 341 10.81 21.84 19.79
C SER D 341 10.40 21.58 18.35
N LEU D 342 9.52 22.41 17.80
CA LEU D 342 8.97 22.17 16.48
C LEU D 342 9.87 22.66 15.36
N CYS D 343 10.59 23.75 15.57
CA CYS D 343 11.30 24.40 14.47
C CYS D 343 12.76 23.96 14.37
N THR D 344 12.97 22.64 14.39
CA THR D 344 14.29 22.05 14.28
C THR D 344 15.00 22.33 12.95
N SER D 345 14.27 22.76 11.92
CA SER D 345 14.93 23.08 10.64
C SER D 345 14.98 24.55 10.32
N LEU D 346 14.73 25.41 11.32
CA LEU D 346 14.96 26.87 11.18
C LEU D 346 16.05 27.28 12.14
N SER D 347 16.92 28.20 11.72
CA SER D 347 17.93 28.73 12.62
C SER D 347 17.29 29.63 13.67
N THR D 348 17.98 29.73 14.79
CA THR D 348 17.66 30.70 15.84
C THR D 348 17.32 32.05 15.20
N GLN D 349 18.24 32.54 14.37
CA GLN D 349 18.06 33.80 13.68
C GLN D 349 16.75 33.86 12.86
N GLN D 350 16.41 32.76 12.21
CA GLN D 350 15.24 32.76 11.35
C GLN D 350 14.00 32.76 12.19
N ILE D 351 14.03 31.98 13.25
CA ILE D 351 12.90 31.94 14.17
C ILE D 351 12.68 33.35 14.75
N VAL D 352 13.75 33.98 15.23
CA VAL D 352 13.65 35.31 15.85
C VAL D 352 13.20 36.33 14.82
N LYS D 353 13.68 36.19 13.59
CA LYS D 353 13.32 37.15 12.56
C LYS D 353 11.82 37.10 12.36
N ILE D 354 11.29 35.89 12.23
CA ILE D 354 9.89 35.72 11.86
C ILE D 354 9.00 36.22 13.00
N LEU D 355 9.40 35.97 14.23
CA LEU D 355 8.65 36.41 15.38
C LEU D 355 8.61 37.93 15.42
N ASN D 356 9.74 38.57 15.11
CA ASN D 356 9.82 40.04 15.08
C ASN D 356 9.01 40.64 13.94
N LEU D 357 8.87 39.88 12.86
CA LEU D 357 8.13 40.37 11.71
C LEU D 357 6.66 40.14 11.89
N TYR D 358 6.34 39.20 12.77
CA TYR D 358 4.96 38.80 12.94
C TYR D 358 4.04 40.01 13.14
N THR D 359 3.05 40.12 12.25
CA THR D 359 2.11 41.23 12.26
C THR D 359 0.67 40.71 12.29
N PRO D 360 0.00 40.78 13.46
CA PRO D 360 -1.41 40.35 13.50
C PRO D 360 -2.24 41.12 12.50
N LEU D 361 -3.32 40.53 12.00
CA LEU D 361 -4.19 41.20 11.04
C LEU D 361 -5.46 41.75 11.67
N ASN D 362 -5.75 41.36 12.91
CA ASN D 362 -6.88 41.90 13.66
C ASN D 362 -6.38 42.69 14.87
N GLU D 363 -7.14 43.69 15.30
CA GLU D 363 -6.80 44.42 16.52
C GLU D 363 -6.94 43.49 17.73
N PHE D 364 -7.54 42.32 17.49
CA PHE D 364 -7.76 41.32 18.52
C PHE D 364 -6.47 40.61 18.92
N GLU D 365 -5.53 40.53 17.98
CA GLU D 365 -4.29 39.83 18.21
C GLU D 365 -3.19 40.82 18.57
N GLU D 366 -2.28 40.41 19.45
CA GLU D 366 -1.17 41.28 19.86
C GLU D 366 0.15 40.82 19.26
N ARG D 367 1.12 41.72 19.17
CA ARG D 367 2.43 41.40 18.59
C ARG D 367 3.29 40.56 19.54
N VAL D 368 4.37 39.97 19.00
CA VAL D 368 5.28 39.22 19.86
C VAL D 368 6.06 40.19 20.80
N THR D 369 6.10 39.90 22.10
CA THR D 369 6.86 40.76 23.05
C THR D 369 8.36 40.49 23.03
N VAL D 370 9.08 41.51 23.46
CA VAL D 370 10.53 41.45 23.56
C VAL D 370 10.90 40.32 24.51
N ALA D 371 10.18 40.20 25.61
CA ALA D 371 10.44 39.15 26.58
C ALA D 371 10.21 37.74 25.99
N PHE D 372 9.31 37.60 25.04
CA PHE D 372 9.06 36.28 24.50
C PHE D 372 10.23 35.90 23.57
N ILE D 373 10.65 36.85 22.76
CA ILE D 373 11.85 36.68 21.95
C ILE D 373 13.10 36.33 22.81
N ARG D 374 13.25 36.93 24.00
CA ARG D 374 14.40 36.56 24.83
C ARG D 374 14.27 35.16 25.41
N THR D 375 13.05 34.74 25.71
CA THR D 375 12.82 33.40 26.19
C THR D 375 13.24 32.43 25.06
N ILE D 376 12.85 32.75 23.83
CA ILE D 376 13.22 31.91 22.68
C ILE D 376 14.74 31.84 22.53
N GLN D 377 15.37 33.00 22.54
CA GLN D 377 16.82 33.09 22.51
C GLN D 377 17.54 32.31 23.62
N ALA D 378 17.10 32.41 24.87
CA ALA D 378 17.71 31.62 25.96
C ALA D 378 17.55 30.12 25.68
N GLN D 379 16.37 29.76 25.21
CA GLN D 379 16.03 28.37 25.00
C GLN D 379 16.87 27.76 23.85
N LEU D 380 17.17 28.55 22.81
CA LEU D 380 17.92 28.04 21.66
C LEU D 380 19.45 28.17 21.81
N GLN D 381 19.90 28.50 23.03
CA GLN D 381 21.31 28.73 23.34
C GLN D 381 22.27 27.57 23.05
N GLU D 382 21.79 26.32 23.07
CA GLU D 382 22.67 25.19 22.75
C GLU D 382 22.86 24.96 21.24
N ARG D 383 22.07 25.63 20.41
CA ARG D 383 22.13 25.39 18.97
C ARG D 383 23.33 26.08 18.29
N ASN D 384 23.78 25.49 17.20
CA ASN D 384 24.86 26.06 16.38
C ASN D 384 24.44 26.12 14.90
N ASP D 385 24.38 27.34 14.35
CA ASP D 385 23.79 27.57 13.04
C ASP D 385 24.69 28.41 12.13
N GLN D 388 23.67 31.72 9.36
CA GLN D 388 23.18 32.90 8.66
C GLN D 388 21.65 32.97 8.65
N LEU D 389 21.14 34.09 8.14
CA LEU D 389 19.71 34.36 8.11
C LEU D 389 19.05 33.76 6.85
N LEU D 390 19.61 34.06 5.70
CA LEU D 390 18.98 33.70 4.44
C LEU D 390 19.51 32.36 3.94
N LEU D 391 18.62 31.59 3.31
CA LEU D 391 18.98 30.36 2.63
C LEU D 391 19.62 30.70 1.31
N ASP D 392 20.59 29.88 0.90
CA ASP D 392 21.18 30.00 -0.42
C ASP D 392 20.27 29.34 -1.48
N ALA D 393 19.54 30.15 -2.24
CA ALA D 393 18.58 29.70 -3.21
C ALA D 393 19.24 29.04 -4.46
N LYS D 394 20.50 29.35 -4.73
CA LYS D 394 21.19 28.81 -5.88
C LYS D 394 22.03 27.60 -5.50
N HIS D 395 21.90 27.13 -4.25
CA HIS D 395 22.64 25.94 -3.81
C HIS D 395 22.27 24.74 -4.68
N MET D 396 23.27 23.99 -5.11
CA MET D 396 23.02 22.88 -6.02
C MET D 396 23.45 21.54 -5.41
N PHE D 397 22.50 20.61 -5.25
CA PHE D 397 22.84 19.24 -4.83
C PHE D 397 23.71 18.54 -5.89
N PRO D 398 24.75 17.84 -5.46
CA PRO D 398 25.55 17.04 -6.42
C PRO D 398 24.71 15.94 -7.07
N VAL D 399 24.78 15.83 -8.39
CA VAL D 399 23.96 14.87 -9.14
C VAL D 399 24.63 13.50 -9.07
N LEU D 400 23.85 12.47 -8.77
CA LEU D 400 24.29 11.10 -8.87
C LEU D 400 23.62 10.47 -10.15
N PHE D 401 24.45 10.09 -11.11
CA PHE D 401 23.99 9.57 -12.40
C PHE D 401 24.03 8.07 -12.28
N PRO D 402 22.90 7.42 -12.48
CA PRO D 402 22.89 5.96 -12.36
C PRO D 402 23.44 5.29 -13.66
N PHE D 403 23.82 4.02 -13.60
CA PHE D 403 24.11 3.22 -14.81
C PHE D 403 22.90 2.35 -15.08
N ASN D 404 22.26 2.54 -16.24
CA ASN D 404 20.99 1.87 -16.56
C ASN D 404 21.07 1.15 -17.91
N PRO D 405 21.75 -0.02 -17.95
CA PRO D 405 21.88 -0.84 -19.15
C PRO D 405 20.48 -1.21 -19.68
N SER D 406 20.33 -1.33 -21.01
CA SER D 406 19.02 -1.62 -21.62
C SER D 406 19.00 -2.99 -22.24
N SER D 407 17.83 -3.41 -22.71
CA SER D 407 17.68 -4.67 -23.41
CA SER D 407 17.68 -4.67 -23.41
C SER D 407 17.72 -4.49 -24.93
N LEU D 408 17.82 -3.27 -25.42
CA LEU D 408 17.88 -3.07 -26.86
C LEU D 408 19.08 -3.82 -27.45
N THR D 409 18.88 -4.53 -28.57
CA THR D 409 19.98 -5.19 -29.28
C THR D 409 20.40 -4.36 -30.50
N MET D 410 21.72 -4.07 -30.63
CA MET D 410 22.22 -3.24 -31.73
C MET D 410 21.83 -3.81 -33.11
N ASP D 411 21.74 -5.13 -33.20
CA ASP D 411 21.51 -5.77 -34.50
C ASP D 411 20.04 -5.71 -34.91
N SER D 412 19.20 -5.03 -34.12
CA SER D 412 17.81 -4.84 -34.51
C SER D 412 17.51 -3.34 -34.71
N ILE D 413 18.52 -2.49 -34.64
CA ILE D 413 18.30 -1.05 -34.76
C ILE D 413 18.55 -0.58 -36.18
N HIS D 414 17.64 0.22 -36.71
CA HIS D 414 17.85 0.83 -38.03
C HIS D 414 17.56 2.33 -37.98
N ILE D 415 18.30 3.08 -38.79
CA ILE D 415 18.22 4.53 -38.80
C ILE D 415 16.95 5.00 -39.51
N PRO D 416 16.13 5.83 -38.83
CA PRO D 416 14.95 6.37 -39.52
C PRO D 416 15.34 7.21 -40.74
N ALA D 417 14.42 7.33 -41.69
CA ALA D 417 14.72 8.03 -42.94
C ALA D 417 14.98 9.50 -42.69
N CYS D 418 14.24 10.06 -41.73
CA CYS D 418 14.26 11.48 -41.45
C CYS D 418 15.65 12.02 -41.07
N LEU D 419 16.52 11.14 -40.58
CA LEU D 419 17.84 11.58 -40.13
C LEU D 419 18.80 11.92 -41.28
N ASN D 420 18.42 11.58 -42.50
CA ASN D 420 19.30 11.80 -43.65
C ASN D 420 20.69 11.26 -43.40
N LEU D 421 20.76 9.99 -43.03
CA LEU D 421 22.03 9.32 -42.78
C LEU D 421 22.23 8.14 -43.73
N GLU D 422 21.83 8.31 -44.99
CA GLU D 422 21.82 7.22 -45.97
C GLU D 422 23.24 6.76 -46.34
N PHE D 423 24.17 7.70 -46.24
CA PHE D 423 25.59 7.45 -46.49
C PHE D 423 26.25 6.60 -45.41
N LEU D 424 25.48 6.19 -44.40
CA LEU D 424 25.97 5.23 -43.42
C LEU D 424 25.63 3.86 -43.94
N ASN D 425 26.55 2.93 -43.76
CA ASN D 425 26.35 1.58 -44.24
C ASN D 425 26.18 0.60 -43.10
N GLU D 426 25.09 -0.16 -43.15
CA GLU D 426 24.87 -1.25 -42.21
C GLU D 426 25.87 -2.41 -42.41
N VAL D 427 26.54 -2.74 -41.31
CA VAL D 427 27.43 -3.90 -41.28
C VAL D 427 26.96 -4.83 -40.18
#